data_5X1N
#
_entry.id   5X1N
#
_cell.length_a   115.464
_cell.length_b   115.464
_cell.length_c   225.195
_cell.angle_alpha   90.00
_cell.angle_beta   90.00
_cell.angle_gamma   120.00
#
_symmetry.space_group_name_H-M   'P 31 2 1'
#
loop_
_entity.id
_entity.type
_entity.pdbx_description
1 polymer 'Vanillate/3-O-methylgallate O-demethylase'
2 non-polymer (6S)-5,6,7,8-TETRAHYDROFOLATE
3 non-polymer '3,4-DIHYDROXYBENZOIC ACID'
4 non-polymer 1,2-ETHANEDIOL
5 non-polymer 2-AMINO-2-HYDROXYMETHYL-PROPANE-1,3-DIOL
6 water water
#
_entity_poly.entity_id   1
_entity_poly.type   'polypeptide(L)'
_entity_poly.pdbx_seq_one_letter_code
;GSSMSAPTNLEQVLAAGGNTVEMLRNSQIGAYVYPVVAPEFSNWRTEQWAWRNSAVLFDQTHHMVDLYIRGKDALKLLSD
TMINSPKGWEPNKAKQYVPVTPYGHVIGDGIIFYLAEEEFVYVGRAPAANWLMYHAQTGGYNVDIVHDDRSPSRPMGKPV
QRISWRFQIQGPKAWDVIEKLHGGTLEKLKFFNMAEMNIAGMKIRTLRHGMAGAPGLEIWGPYETQEKARNAILEAGKEF
GLIPVGSRAYPSNTLESGWIPSPLPAIYTGDKLKAYREWLPANSYEASGAIGGSFVSSNIEDYYVNPYEIGYGPFVKFDH
DFIGRDALEAIDPATQRKKVTLAWNGDDMAKIYASLFDTEADAHYKFFDLPLANYANTNADAVLDAAGNVVGMSMFTGYS
YNEKRALSLATIDHEIPVGTELTVLWGEENGGTRKTTVEPHKQMAVRAVVSPVPYSVTARETYEGGWRKAAVTA
;
_entity_poly.pdbx_strand_id   A,B
#
loop_
_chem_comp.id
_chem_comp.type
_chem_comp.name
_chem_comp.formula
DHB non-polymer '3,4-DIHYDROXYBENZOIC ACID' 'C7 H6 O4'
EDO non-polymer 1,2-ETHANEDIOL 'C2 H6 O2'
THG non-polymer (6S)-5,6,7,8-TETRAHYDROFOLATE 'C19 H23 N7 O6'
TRS non-polymer 2-AMINO-2-HYDROXYMETHYL-PROPANE-1,3-DIOL 'C4 H12 N O3 1'
#
# COMPACT_ATOMS: atom_id res chain seq x y z
N SER A 5 13.86 24.54 24.16
CA SER A 5 12.75 24.98 23.33
C SER A 5 12.93 24.50 21.90
N ALA A 6 11.86 24.00 21.30
CA ALA A 6 11.91 23.63 19.89
C ALA A 6 12.16 24.86 19.01
N PRO A 7 12.87 24.73 17.90
CA PRO A 7 12.99 25.85 16.96
C PRO A 7 11.63 26.23 16.38
N THR A 8 11.52 27.47 15.90
CA THR A 8 10.29 27.92 15.27
C THR A 8 10.44 28.30 13.80
N ASN A 9 11.62 28.25 13.21
CA ASN A 9 11.73 28.54 11.79
C ASN A 9 12.87 27.74 11.15
N LEU A 10 12.85 27.69 9.81
CA LEU A 10 13.79 26.84 9.08
C LEU A 10 15.24 27.32 9.23
N GLU A 11 15.45 28.64 9.31
CA GLU A 11 16.81 29.15 9.43
C GLU A 11 17.48 28.64 10.71
N GLN A 12 16.72 28.56 11.81
CA GLN A 12 17.25 27.96 13.04
C GLN A 12 17.61 26.50 12.83
N VAL A 13 16.77 25.75 12.11
CA VAL A 13 17.02 24.33 11.88
C VAL A 13 18.30 24.15 11.07
N LEU A 14 18.51 25.00 10.05
CA LEU A 14 19.68 24.87 9.20
C LEU A 14 20.95 25.25 9.96
N ALA A 15 20.87 26.25 10.81
CA ALA A 15 22.06 26.72 11.50
C ALA A 15 22.54 25.71 12.56
N ALA A 16 21.62 24.88 13.07
CA ALA A 16 21.98 23.84 14.03
C ALA A 16 22.12 22.46 13.41
N GLY A 17 21.78 22.29 12.13
CA GLY A 17 21.63 20.97 11.56
C GLY A 17 22.80 20.44 10.76
N GLY A 18 23.95 21.10 10.79
CA GLY A 18 25.07 20.67 9.99
C GLY A 18 24.87 20.97 8.52
N ASN A 19 25.57 20.22 7.69
CA ASN A 19 25.43 20.38 6.24
C ASN A 19 23.98 20.16 5.81
N THR A 20 23.48 21.09 4.99
CA THR A 20 22.06 21.03 4.61
C THR A 20 21.75 19.76 3.81
N VAL A 21 22.61 19.40 2.86
CA VAL A 21 22.38 18.20 2.06
C VAL A 21 22.35 16.97 2.95
N GLU A 22 23.34 16.83 3.84
CA GLU A 22 23.41 15.68 4.72
C GLU A 22 22.17 15.60 5.61
N MET A 23 21.68 16.76 6.06
CA MET A 23 20.45 16.78 6.84
C MET A 23 19.29 16.19 6.02
N LEU A 24 19.12 16.68 4.80
CA LEU A 24 17.95 16.30 4.01
C LEU A 24 18.05 14.87 3.50
N ARG A 25 19.27 14.42 3.19
CA ARG A 25 19.47 13.07 2.69
C ARG A 25 19.39 12.02 3.79
N ASN A 26 19.39 12.41 5.06
CA ASN A 26 19.27 11.47 6.17
C ASN A 26 18.03 11.72 7.02
N SER A 27 17.09 12.50 6.49
CA SER A 27 15.85 12.84 7.20
C SER A 27 15.09 11.59 7.60
N GLN A 28 14.44 11.66 8.77
CA GLN A 28 13.64 10.59 9.33
C GLN A 28 12.16 10.69 8.98
N ILE A 29 11.81 11.51 7.98
CA ILE A 29 10.41 11.78 7.70
C ILE A 29 9.69 10.55 7.15
N GLY A 30 10.41 9.65 6.49
CA GLY A 30 9.78 8.48 5.89
C GLY A 30 9.28 8.75 4.48
N ALA A 31 8.38 7.88 4.04
CA ALA A 31 7.88 7.93 2.67
C ALA A 31 7.05 9.20 2.41
N TYR A 32 7.07 9.65 1.15
CA TYR A 32 6.11 10.67 0.71
C TYR A 32 4.81 9.94 0.37
N VAL A 33 3.77 10.16 1.17
CA VAL A 33 2.57 9.35 1.11
C VAL A 33 1.48 10.09 0.35
N TYR A 34 0.70 9.35 -0.44
CA TYR A 34 -0.50 9.84 -1.07
C TYR A 34 -1.64 9.34 -0.21
N PRO A 35 -2.17 10.15 0.72
CA PRO A 35 -2.89 9.61 1.87
C PRO A 35 -4.37 9.35 1.59
N VAL A 36 -4.98 8.58 2.51
CA VAL A 36 -6.41 8.44 2.73
C VAL A 36 -7.09 7.57 1.69
N VAL A 37 -6.88 7.86 0.42
CA VAL A 37 -7.48 7.06 -0.65
C VAL A 37 -7.02 5.61 -0.52
N ALA A 38 -7.93 4.66 -0.71
CA ALA A 38 -7.56 3.25 -0.65
C ALA A 38 -6.39 2.98 -1.60
N PRO A 39 -5.39 2.21 -1.18
CA PRO A 39 -4.27 1.91 -2.09
C PRO A 39 -4.71 1.29 -3.41
N GLU A 40 -5.66 0.38 -3.37
CA GLU A 40 -6.14 -0.27 -4.58
C GLU A 40 -7.63 -0.53 -4.44
N PHE A 41 -8.33 -0.43 -5.57
CA PHE A 41 -9.72 -0.87 -5.64
C PHE A 41 -9.87 -2.20 -6.38
N SER A 42 -9.19 -2.37 -7.50
CA SER A 42 -9.10 -3.68 -8.14
C SER A 42 -7.66 -4.15 -7.97
N ASN A 43 -6.77 -3.67 -8.82
CA ASN A 43 -5.33 -3.83 -8.63
C ASN A 43 -4.65 -2.76 -9.47
N TRP A 44 -3.43 -2.40 -9.09
CA TRP A 44 -2.82 -1.23 -9.72
C TRP A 44 -2.53 -1.46 -11.21
N ARG A 45 -2.36 -2.71 -11.64
CA ARG A 45 -2.09 -2.99 -13.05
C ARG A 45 -3.33 -2.73 -13.91
N THR A 46 -4.48 -3.29 -13.49
CA THR A 46 -5.73 -3.03 -14.18
C THR A 46 -6.08 -1.54 -14.12
N GLU A 47 -5.76 -0.89 -12.99
CA GLU A 47 -6.08 0.53 -12.86
C GLU A 47 -5.28 1.38 -13.84
N GLN A 48 -3.97 1.11 -13.94
CA GLN A 48 -3.15 1.78 -14.95
C GLN A 48 -3.68 1.52 -16.35
N TRP A 49 -4.05 0.27 -16.62
CA TRP A 49 -4.54 -0.11 -17.94
C TRP A 49 -5.81 0.65 -18.32
N ALA A 50 -6.70 0.86 -17.34
CA ALA A 50 -7.99 1.49 -17.62
C ALA A 50 -7.85 2.94 -18.05
N TRP A 51 -6.81 3.65 -17.59
CA TRP A 51 -6.74 5.04 -18.01
C TRP A 51 -6.22 5.20 -19.43
N ARG A 52 -5.67 4.13 -20.02
CA ARG A 52 -5.30 4.17 -21.43
C ARG A 52 -6.31 3.45 -22.32
N ASN A 53 -7.19 2.64 -21.76
CA ASN A 53 -8.05 1.79 -22.58
C ASN A 53 -9.53 1.94 -22.31
N SER A 54 -9.94 2.47 -21.16
CA SER A 54 -11.37 2.64 -20.91
C SER A 54 -11.59 3.99 -20.25
N ALA A 55 -11.87 3.99 -18.94
CA ALA A 55 -12.03 5.25 -18.21
C ALA A 55 -11.67 5.02 -16.75
N VAL A 56 -11.23 6.08 -16.07
CA VAL A 56 -10.93 6.02 -14.65
C VAL A 56 -11.50 7.23 -13.93
N LEU A 57 -11.72 7.06 -12.64
CA LEU A 57 -11.94 8.15 -11.71
C LEU A 57 -10.68 8.28 -10.86
N PHE A 58 -9.93 9.36 -11.06
CA PHE A 58 -8.85 9.72 -10.15
C PHE A 58 -9.45 10.47 -8.97
N ASP A 59 -9.06 10.11 -7.74
CA ASP A 59 -9.49 10.84 -6.55
C ASP A 59 -8.33 11.68 -6.04
N GLN A 60 -8.42 13.00 -6.25
CA GLN A 60 -7.35 13.94 -5.93
C GLN A 60 -7.63 14.73 -4.66
N THR A 61 -8.57 14.27 -3.84
CA THR A 61 -9.08 15.08 -2.74
C THR A 61 -8.06 15.30 -1.63
N HIS A 62 -7.04 14.45 -1.48
CA HIS A 62 -6.30 14.40 -0.22
C HIS A 62 -4.81 14.66 -0.31
N HIS A 63 -4.19 14.68 -1.49
CA HIS A 63 -2.72 14.69 -1.53
C HIS A 63 -2.12 16.06 -1.86
N MET A 64 -2.93 17.09 -2.09
CA MET A 64 -2.42 18.42 -2.43
C MET A 64 -2.92 19.47 -1.46
N VAL A 65 -2.10 20.49 -1.27
CA VAL A 65 -2.45 21.68 -0.51
C VAL A 65 -3.34 22.58 -1.37
N ASP A 66 -4.41 23.10 -0.78
CA ASP A 66 -5.25 24.11 -1.39
C ASP A 66 -5.06 25.44 -0.68
N LEU A 67 -4.83 26.49 -1.45
CA LEU A 67 -4.60 27.83 -0.90
C LEU A 67 -5.53 28.80 -1.62
N TYR A 68 -6.59 29.25 -0.93
CA TYR A 68 -7.55 30.18 -1.52
C TYR A 68 -7.05 31.60 -1.28
N ILE A 69 -7.06 32.41 -2.34
CA ILE A 69 -6.49 33.74 -2.31
C ILE A 69 -7.56 34.70 -2.82
N ARG A 70 -7.95 35.64 -1.97
CA ARG A 70 -9.07 36.52 -2.27
C ARG A 70 -8.69 37.95 -1.95
N GLY A 71 -9.23 38.88 -2.73
CA GLY A 71 -9.14 40.28 -2.41
C GLY A 71 -8.62 41.10 -3.58
N LYS A 72 -8.56 42.41 -3.32
CA LYS A 72 -8.19 43.38 -4.34
C LYS A 72 -6.83 43.08 -4.96
N ASP A 73 -5.84 42.71 -4.14
CA ASP A 73 -4.48 42.52 -4.66
C ASP A 73 -4.15 41.07 -4.97
N ALA A 74 -5.16 40.20 -5.09
CA ALA A 74 -4.89 38.78 -5.32
C ALA A 74 -4.18 38.56 -6.66
N LEU A 75 -4.69 39.17 -7.73
CA LEU A 75 -4.04 38.98 -9.03
C LEU A 75 -2.65 39.60 -9.04
N LYS A 76 -2.48 40.74 -8.39
CA LYS A 76 -1.16 41.36 -8.34
C LYS A 76 -0.15 40.47 -7.62
N LEU A 77 -0.55 39.85 -6.51
CA LEU A 77 0.33 38.93 -5.81
C LEU A 77 0.78 37.79 -6.71
N LEU A 78 -0.15 37.20 -7.46
CA LEU A 78 0.18 36.12 -8.38
C LEU A 78 1.11 36.61 -9.48
N SER A 79 0.75 37.74 -10.13
CA SER A 79 1.59 38.30 -11.19
C SER A 79 2.99 38.64 -10.68
N ASP A 80 3.09 39.21 -9.47
CA ASP A 80 4.41 39.58 -8.95
C ASP A 80 5.29 38.37 -8.63
N THR A 81 4.72 37.17 -8.54
CA THR A 81 5.52 36.01 -8.13
C THR A 81 5.61 34.91 -9.17
N MET A 82 5.00 35.06 -10.34
CA MET A 82 4.98 33.99 -11.32
C MET A 82 5.76 34.37 -12.57
N ILE A 83 6.38 33.37 -13.18
CA ILE A 83 7.07 33.62 -14.45
C ILE A 83 6.07 33.78 -15.58
N ASN A 84 4.85 33.27 -15.40
CA ASN A 84 3.83 33.30 -16.41
C ASN A 84 3.38 34.72 -16.71
N SER A 85 2.97 34.95 -17.95
CA SER A 85 2.36 36.22 -18.30
C SER A 85 0.95 36.28 -17.73
N PRO A 86 0.57 37.38 -17.07
CA PRO A 86 -0.84 37.56 -16.70
C PRO A 86 -1.76 37.98 -17.84
N LYS A 87 -1.24 38.18 -19.06
CA LYS A 87 -2.05 38.74 -20.13
C LYS A 87 -3.14 37.78 -20.59
N GLY A 88 -4.38 38.27 -20.64
CA GLY A 88 -5.50 37.44 -21.07
C GLY A 88 -6.08 36.56 -19.98
N TRP A 89 -5.48 36.53 -18.79
CA TRP A 89 -6.01 35.73 -17.69
C TRP A 89 -7.28 36.37 -17.15
N GLU A 90 -8.36 35.62 -17.14
CA GLU A 90 -9.63 36.11 -16.63
C GLU A 90 -10.34 34.95 -15.92
N PRO A 91 -11.39 35.19 -15.15
CA PRO A 91 -12.09 34.08 -14.48
C PRO A 91 -12.45 32.97 -15.45
N ASN A 92 -12.43 31.73 -14.92
CA ASN A 92 -12.71 30.50 -15.65
C ASN A 92 -11.61 30.14 -16.64
N LYS A 93 -10.39 30.59 -16.34
CA LYS A 93 -9.16 30.06 -16.93
C LYS A 93 -8.21 29.72 -15.80
N ALA A 94 -7.54 28.58 -15.91
CA ALA A 94 -6.52 28.20 -14.96
C ALA A 94 -5.14 28.33 -15.60
N LYS A 95 -4.12 28.43 -14.74
CA LYS A 95 -2.72 28.45 -15.18
C LYS A 95 -1.89 27.53 -14.32
N GLN A 96 -0.80 27.03 -14.89
CA GLN A 96 0.22 26.33 -14.10
C GLN A 96 1.16 27.39 -13.53
N TYR A 97 0.89 27.79 -12.31
CA TYR A 97 1.67 28.81 -11.61
C TYR A 97 3.09 28.31 -11.35
N VAL A 98 4.10 29.09 -11.75
CA VAL A 98 5.48 28.71 -11.47
C VAL A 98 6.25 29.89 -10.88
N PRO A 99 6.51 29.89 -9.57
CA PRO A 99 7.35 30.93 -8.97
C PRO A 99 8.82 30.54 -8.92
N VAL A 100 9.68 31.52 -9.17
CA VAL A 100 11.12 31.33 -8.96
C VAL A 100 11.59 32.29 -7.89
N THR A 101 12.74 32.00 -7.33
CA THR A 101 13.36 32.84 -6.31
C THR A 101 14.01 34.04 -6.98
N PRO A 102 14.55 34.98 -6.19
CA PRO A 102 15.35 36.06 -6.78
C PRO A 102 16.54 35.57 -7.59
N TYR A 103 16.94 34.31 -7.46
CA TYR A 103 18.07 33.77 -8.18
C TYR A 103 17.65 32.99 -9.41
N GLY A 104 16.36 32.94 -9.70
CA GLY A 104 15.88 32.29 -10.90
C GLY A 104 15.63 30.80 -10.78
N HIS A 105 15.60 30.25 -9.57
CA HIS A 105 15.40 28.82 -9.38
C HIS A 105 13.96 28.51 -9.00
N VAL A 106 13.46 27.36 -9.47
CA VAL A 106 12.08 26.96 -9.22
C VAL A 106 11.87 26.71 -7.73
N ILE A 107 10.81 27.28 -7.18
CA ILE A 107 10.37 26.99 -5.81
C ILE A 107 9.41 25.82 -5.79
N GLY A 108 8.52 25.79 -6.77
CA GLY A 108 7.52 24.75 -6.86
C GLY A 108 6.59 25.12 -8.00
N ASP A 109 5.44 24.49 -8.04
CA ASP A 109 4.43 24.83 -9.03
C ASP A 109 3.11 24.22 -8.60
N GLY A 110 2.05 24.66 -9.27
CA GLY A 110 0.73 24.06 -9.11
C GLY A 110 -0.23 24.71 -10.07
N ILE A 111 -1.50 24.35 -9.95
CA ILE A 111 -2.54 24.94 -10.79
C ILE A 111 -3.24 26.02 -9.97
N ILE A 112 -3.37 27.21 -10.56
CA ILE A 112 -4.16 28.28 -9.95
C ILE A 112 -5.41 28.47 -10.78
N PHE A 113 -6.55 28.35 -10.13
CA PHE A 113 -7.85 28.56 -10.75
C PHE A 113 -8.25 30.02 -10.57
N TYR A 114 -8.60 30.69 -11.65
CA TYR A 114 -9.19 32.02 -11.57
C TYR A 114 -10.69 31.78 -11.43
N LEU A 115 -11.19 31.82 -10.20
CA LEU A 115 -12.55 31.35 -9.93
C LEU A 115 -13.59 32.43 -10.21
N ALA A 116 -13.27 33.66 -9.86
CA ALA A 116 -14.13 34.82 -10.10
C ALA A 116 -13.23 36.03 -9.87
N GLU A 117 -13.79 37.22 -10.11
CA GLU A 117 -13.05 38.43 -9.84
C GLU A 117 -12.54 38.41 -8.40
N GLU A 118 -11.25 38.71 -8.24
CA GLU A 118 -10.59 38.75 -6.94
C GLU A 118 -10.70 37.41 -6.18
N GLU A 119 -10.89 36.28 -6.87
CA GLU A 119 -10.99 34.99 -6.19
C GLU A 119 -10.18 33.92 -6.92
N PHE A 120 -9.14 33.40 -6.24
CA PHE A 120 -8.23 32.40 -6.79
C PHE A 120 -8.06 31.25 -5.81
N VAL A 121 -7.69 30.08 -6.31
CA VAL A 121 -7.23 28.98 -5.46
C VAL A 121 -6.05 28.29 -6.13
N TYR A 122 -4.95 28.14 -5.38
CA TYR A 122 -3.81 27.34 -5.78
C TYR A 122 -3.97 25.90 -5.28
N VAL A 123 -3.59 24.94 -6.12
CA VAL A 123 -3.58 23.53 -5.76
C VAL A 123 -2.25 22.93 -6.17
N GLY A 124 -1.56 22.30 -5.21
CA GLY A 124 -0.30 21.63 -5.50
C GLY A 124 0.40 21.22 -4.22
N ARG A 125 1.71 20.98 -4.33
CA ARG A 125 2.52 20.70 -3.15
C ARG A 125 2.69 21.95 -2.27
N ALA A 126 3.18 21.73 -1.06
CA ALA A 126 3.36 22.82 -0.08
C ALA A 126 4.25 23.98 -0.54
N PRO A 127 5.39 23.77 -1.22
CA PRO A 127 6.37 24.88 -1.31
C PRO A 127 5.85 26.15 -1.97
N ALA A 128 5.09 26.06 -3.06
CA ALA A 128 4.60 27.28 -3.68
C ALA A 128 3.49 27.90 -2.85
N ALA A 129 2.68 27.09 -2.15
CA ALA A 129 1.70 27.67 -1.24
C ALA A 129 2.38 28.43 -0.10
N ASN A 130 3.48 27.89 0.42
CA ASN A 130 4.21 28.61 1.46
C ASN A 130 4.73 29.94 0.96
N TRP A 131 5.30 29.94 -0.26
CA TRP A 131 5.84 31.16 -0.85
C TRP A 131 4.75 32.22 -1.01
N LEU A 132 3.60 31.83 -1.55
CA LEU A 132 2.47 32.75 -1.67
C LEU A 132 2.05 33.30 -0.32
N MET A 133 1.95 32.42 0.69
CA MET A 133 1.56 32.88 2.02
C MET A 133 2.56 33.86 2.59
N TYR A 134 3.86 33.63 2.37
CA TYR A 134 4.87 34.57 2.86
C TYR A 134 4.71 35.96 2.21
N HIS A 135 4.55 36.00 0.88
CA HIS A 135 4.45 37.30 0.23
C HIS A 135 3.11 37.96 0.53
N ALA A 136 2.04 37.16 0.66
CA ALA A 136 0.75 37.72 1.06
C ALA A 136 0.87 38.43 2.40
N GLN A 137 1.70 37.90 3.30
CA GLN A 137 1.83 38.44 4.65
C GLN A 137 2.80 39.62 4.74
N THR A 138 3.89 39.59 3.97
CA THR A 138 4.96 40.58 4.15
C THR A 138 5.10 41.56 3.00
N GLY A 139 4.37 41.37 1.90
CA GLY A 139 4.58 42.15 0.70
C GLY A 139 3.72 43.38 0.53
N GLY A 140 2.82 43.65 1.47
CA GLY A 140 1.97 44.83 1.34
C GLY A 140 0.78 44.61 0.42
N TYR A 141 0.22 43.41 0.42
CA TYR A 141 -0.90 43.07 -0.44
C TYR A 141 -2.21 43.10 0.35
N ASN A 142 -3.24 43.67 -0.25
CA ASN A 142 -4.60 43.62 0.28
C ASN A 142 -5.22 42.32 -0.21
N VAL A 143 -5.00 41.24 0.55
CA VAL A 143 -5.49 39.91 0.22
C VAL A 143 -5.81 39.16 1.51
N ASP A 144 -6.81 38.27 1.42
CA ASP A 144 -7.10 37.29 2.45
C ASP A 144 -6.74 35.90 1.93
N ILE A 145 -6.17 35.07 2.80
CA ILE A 145 -5.71 33.73 2.46
C ILE A 145 -6.39 32.71 3.35
N VAL A 146 -6.83 31.59 2.76
CA VAL A 146 -7.26 30.41 3.50
C VAL A 146 -6.42 29.22 3.04
N HIS A 147 -5.67 28.62 3.98
CA HIS A 147 -4.78 27.49 3.72
C HIS A 147 -5.48 26.20 4.15
N ASP A 148 -5.60 25.26 3.23
CA ASP A 148 -6.23 23.97 3.52
C ASP A 148 -5.17 22.89 3.19
N ASP A 149 -4.55 22.34 4.22
CA ASP A 149 -3.43 21.42 4.07
C ASP A 149 -3.88 20.12 3.43
N ARG A 150 -2.93 19.44 2.78
CA ARG A 150 -3.14 18.06 2.39
C ARG A 150 -3.41 17.21 3.63
N SER A 151 -4.06 16.07 3.42
CA SER A 151 -4.48 15.23 4.53
C SER A 151 -3.28 14.55 5.20
N PRO A 152 -3.40 14.17 6.47
CA PRO A 152 -2.27 13.54 7.16
C PRO A 152 -1.89 12.21 6.52
N SER A 153 -0.58 11.93 6.51
CA SER A 153 -0.06 10.74 5.84
C SER A 153 -0.57 9.46 6.47
N ARG A 154 -0.75 9.46 7.79
CA ARG A 154 -1.21 8.28 8.54
C ARG A 154 -2.29 8.74 9.52
N PRO A 155 -3.54 8.86 9.05
CA PRO A 155 -4.58 9.43 9.92
C PRO A 155 -4.97 8.53 11.09
N MET A 156 -4.64 7.23 11.04
CA MET A 156 -4.84 6.30 12.17
C MET A 156 -6.32 6.06 12.48
N GLY A 157 -7.15 6.01 11.44
CA GLY A 157 -8.58 5.87 11.63
C GLY A 157 -9.30 7.12 12.10
N LYS A 158 -8.58 8.22 12.32
CA LYS A 158 -9.21 9.47 12.71
C LYS A 158 -9.89 10.12 11.49
N PRO A 159 -10.93 10.93 11.72
CA PRO A 159 -11.64 11.53 10.59
C PRO A 159 -10.82 12.61 9.90
N VAL A 160 -11.09 12.79 8.61
CA VAL A 160 -10.35 13.67 7.73
C VAL A 160 -11.34 14.61 7.06
N GLN A 161 -10.94 15.86 6.86
CA GLN A 161 -11.81 16.84 6.22
C GLN A 161 -11.01 17.77 5.34
N ARG A 162 -11.54 18.07 4.15
CA ARG A 162 -11.01 19.07 3.24
C ARG A 162 -12.09 20.10 2.93
N ILE A 163 -11.70 21.23 2.36
CA ILE A 163 -12.72 22.17 1.90
C ILE A 163 -13.45 21.61 0.69
N SER A 164 -12.72 21.03 -0.26
CA SER A 164 -13.30 20.51 -1.50
C SER A 164 -12.94 19.05 -1.70
N TRP A 165 -13.82 18.33 -2.40
CA TRP A 165 -13.43 17.09 -3.06
C TRP A 165 -12.97 17.43 -4.47
N ARG A 166 -12.08 16.60 -5.02
CA ARG A 166 -11.44 16.92 -6.28
C ARG A 166 -11.18 15.64 -7.06
N PHE A 167 -11.84 15.47 -8.20
CA PHE A 167 -11.76 14.26 -9.01
C PHE A 167 -11.30 14.60 -10.43
N GLN A 168 -10.84 13.57 -11.14
CA GLN A 168 -10.65 13.63 -12.59
C GLN A 168 -11.29 12.40 -13.23
N ILE A 169 -11.97 12.62 -14.34
CA ILE A 169 -12.49 11.56 -15.18
C ILE A 169 -11.65 11.55 -16.46
N GLN A 170 -10.89 10.49 -16.69
CA GLN A 170 -9.88 10.48 -17.75
C GLN A 170 -9.96 9.16 -18.52
N GLY A 171 -9.33 9.14 -19.70
CA GLY A 171 -9.29 7.97 -20.52
C GLY A 171 -10.03 8.14 -21.82
N PRO A 172 -9.86 7.17 -22.74
CA PRO A 172 -10.51 7.30 -24.07
C PRO A 172 -12.03 7.34 -24.01
N LYS A 173 -12.65 6.78 -22.97
CA LYS A 173 -14.09 6.83 -22.82
C LYS A 173 -14.55 7.89 -21.81
N ALA A 174 -13.65 8.77 -21.38
CA ALA A 174 -14.00 9.74 -20.34
C ALA A 174 -15.13 10.66 -20.80
N TRP A 175 -15.06 11.15 -22.04
CA TRP A 175 -16.08 12.09 -22.48
C TRP A 175 -17.44 11.42 -22.63
N ASP A 176 -17.47 10.14 -23.01
CA ASP A 176 -18.74 9.41 -23.01
C ASP A 176 -19.35 9.38 -21.61
N VAL A 177 -18.53 9.10 -20.60
CA VAL A 177 -19.02 9.12 -19.22
C VAL A 177 -19.44 10.52 -18.83
N ILE A 178 -18.65 11.52 -19.21
CA ILE A 178 -18.96 12.91 -18.88
C ILE A 178 -20.32 13.31 -19.46
N GLU A 179 -20.58 12.94 -20.72
CA GLU A 179 -21.84 13.36 -21.32
C GLU A 179 -23.02 12.58 -20.76
N LYS A 180 -22.81 11.31 -20.39
CA LYS A 180 -23.89 10.55 -19.76
C LYS A 180 -24.28 11.16 -18.43
N LEU A 181 -23.30 11.65 -17.66
CA LEU A 181 -23.61 12.34 -16.42
C LEU A 181 -24.30 13.67 -16.69
N HIS A 182 -23.86 14.38 -17.73
CA HIS A 182 -24.39 15.72 -18.02
C HIS A 182 -25.83 15.66 -18.49
N GLY A 183 -26.25 14.57 -19.10
CA GLY A 183 -27.57 14.47 -19.69
C GLY A 183 -27.66 14.95 -21.11
N GLY A 184 -26.54 15.16 -21.79
CA GLY A 184 -26.55 15.58 -23.16
C GLY A 184 -25.13 15.92 -23.61
N THR A 185 -25.05 16.52 -24.80
CA THR A 185 -23.77 16.95 -25.35
C THR A 185 -23.14 18.00 -24.43
N LEU A 186 -21.81 17.94 -24.33
CA LEU A 186 -21.03 18.94 -23.59
C LEU A 186 -19.88 19.37 -24.47
N GLU A 187 -19.69 20.69 -24.59
CA GLU A 187 -18.67 21.22 -25.46
C GLU A 187 -17.28 20.88 -24.95
N LYS A 188 -16.38 20.52 -25.87
CA LYS A 188 -14.98 20.32 -25.53
C LYS A 188 -14.28 21.65 -25.30
N LEU A 189 -14.36 22.14 -24.07
CA LEU A 189 -13.70 23.39 -23.70
C LEU A 189 -12.20 23.30 -23.98
N LYS A 190 -11.60 24.45 -24.28
CA LYS A 190 -10.18 24.52 -24.60
C LYS A 190 -9.34 24.16 -23.38
N PHE A 191 -8.11 23.74 -23.65
CA PHE A 191 -7.19 23.30 -22.60
C PHE A 191 -7.05 24.36 -21.52
N PHE A 192 -7.36 23.96 -20.29
CA PHE A 192 -7.24 24.77 -19.08
C PHE A 192 -8.27 25.87 -18.98
N ASN A 193 -9.33 25.82 -19.76
CA ASN A 193 -10.51 26.65 -19.54
C ASN A 193 -11.48 25.92 -18.62
N MET A 194 -12.23 26.68 -17.84
CA MET A 194 -13.13 26.12 -16.83
C MET A 194 -14.58 26.40 -17.22
N ALA A 195 -15.45 25.44 -16.92
CA ALA A 195 -16.87 25.62 -17.19
C ALA A 195 -17.68 24.87 -16.13
N GLU A 196 -18.79 24.25 -16.53
CA GLU A 196 -19.64 23.53 -15.58
C GLU A 196 -20.25 22.32 -16.27
N MET A 197 -20.77 21.41 -15.45
CA MET A 197 -21.48 20.24 -15.95
C MET A 197 -22.47 19.81 -14.89
N ASN A 198 -23.44 19.01 -15.31
CA ASN A 198 -24.37 18.41 -14.37
C ASN A 198 -23.85 17.09 -13.85
N ILE A 199 -23.97 16.87 -12.54
CA ILE A 199 -23.75 15.57 -11.92
C ILE A 199 -24.83 15.41 -10.85
N ALA A 200 -25.79 14.51 -11.09
CA ALA A 200 -26.82 14.15 -10.12
C ALA A 200 -27.55 15.38 -9.60
N GLY A 201 -27.94 16.26 -10.53
CA GLY A 201 -28.69 17.45 -10.19
C GLY A 201 -27.86 18.58 -9.62
N MET A 202 -26.55 18.40 -9.46
CA MET A 202 -25.67 19.45 -8.97
C MET A 202 -24.95 20.13 -10.12
N LYS A 203 -24.71 21.43 -9.98
CA LYS A 203 -23.88 22.18 -10.90
C LYS A 203 -22.41 22.04 -10.45
N ILE A 204 -21.59 21.37 -11.24
CA ILE A 204 -20.22 21.03 -10.88
C ILE A 204 -19.26 21.78 -11.79
N ARG A 205 -18.32 22.51 -11.19
CA ARG A 205 -17.35 23.23 -12.02
C ARG A 205 -16.31 22.27 -12.59
N THR A 206 -15.86 22.59 -13.80
CA THR A 206 -14.98 21.71 -14.57
C THR A 206 -13.73 22.45 -15.00
N LEU A 207 -12.68 21.68 -15.26
CA LEU A 207 -11.43 22.15 -15.82
C LEU A 207 -10.97 21.17 -16.88
N ARG A 208 -10.62 21.67 -18.06
CA ARG A 208 -10.22 20.80 -19.16
C ARG A 208 -8.76 20.40 -19.00
N HIS A 209 -8.52 19.10 -18.82
CA HIS A 209 -7.18 18.51 -18.83
C HIS A 209 -7.01 17.64 -20.08
N PRO A 215 -8.46 13.25 -23.20
CA PRO A 215 -9.51 14.27 -23.26
C PRO A 215 -10.56 14.07 -22.15
N GLY A 216 -10.25 14.58 -20.96
CA GLY A 216 -11.12 14.41 -19.82
C GLY A 216 -11.28 15.70 -19.04
N LEU A 217 -11.84 15.61 -17.84
CA LEU A 217 -12.07 16.79 -17.02
C LEU A 217 -11.59 16.55 -15.59
N GLU A 218 -11.12 17.62 -14.98
CA GLU A 218 -11.06 17.71 -13.54
C GLU A 218 -12.30 18.44 -13.04
N ILE A 219 -12.88 17.92 -11.96
CA ILE A 219 -14.09 18.45 -11.36
C ILE A 219 -13.84 18.60 -9.87
N TRP A 220 -14.54 19.53 -9.24
CA TRP A 220 -14.41 19.76 -7.81
C TRP A 220 -15.73 20.28 -7.26
N GLY A 221 -15.85 20.25 -5.94
CA GLY A 221 -17.05 20.73 -5.29
C GLY A 221 -16.91 20.74 -3.78
N PRO A 222 -17.94 21.22 -3.09
CA PRO A 222 -17.90 21.26 -1.62
C PRO A 222 -17.77 19.85 -1.06
N TYR A 223 -16.92 19.71 -0.04
CA TYR A 223 -16.57 18.39 0.51
C TYR A 223 -17.78 17.57 0.90
N GLU A 224 -18.87 18.21 1.33
CA GLU A 224 -20.03 17.47 1.82
C GLU A 224 -20.74 16.68 0.72
N THR A 225 -20.55 17.04 -0.55
CA THR A 225 -21.20 16.33 -1.65
C THR A 225 -20.28 15.30 -2.32
N GLN A 226 -19.18 14.91 -1.67
CA GLN A 226 -18.22 14.01 -2.30
C GLN A 226 -18.84 12.66 -2.69
N GLU A 227 -19.47 11.99 -1.72
CA GLU A 227 -19.97 10.63 -1.99
C GLU A 227 -21.15 10.65 -2.95
N LYS A 228 -21.96 11.71 -2.92
CA LYS A 228 -23.02 11.84 -3.90
C LYS A 228 -22.44 11.94 -5.31
N ALA A 229 -21.41 12.78 -5.48
CA ALA A 229 -20.74 12.88 -6.76
C ALA A 229 -20.05 11.58 -7.15
N ARG A 230 -19.32 10.96 -6.21
CA ARG A 230 -18.59 9.73 -6.52
CA ARG A 230 -18.59 9.73 -6.52
C ARG A 230 -19.54 8.63 -6.97
N ASN A 231 -20.62 8.41 -6.22
CA ASN A 231 -21.55 7.34 -6.56
C ASN A 231 -22.14 7.53 -7.94
N ALA A 232 -22.49 8.77 -8.30
CA ALA A 232 -23.07 9.00 -9.63
C ALA A 232 -22.05 8.72 -10.72
N ILE A 233 -20.80 9.12 -10.51
CA ILE A 233 -19.77 8.89 -11.52
C ILE A 233 -19.56 7.39 -11.75
N LEU A 234 -19.38 6.64 -10.66
CA LEU A 234 -19.14 5.20 -10.80
C LEU A 234 -20.35 4.50 -11.42
N GLU A 235 -21.56 4.86 -10.99
CA GLU A 235 -22.75 4.24 -11.55
C GLU A 235 -22.86 4.49 -13.05
N ALA A 236 -22.76 5.77 -13.47
CA ALA A 236 -22.85 6.10 -14.89
C ALA A 236 -21.69 5.50 -15.67
N GLY A 237 -20.50 5.45 -15.08
CA GLY A 237 -19.35 4.97 -15.81
C GLY A 237 -19.29 3.46 -16.00
N LYS A 238 -20.09 2.70 -15.24
CA LYS A 238 -20.06 1.24 -15.34
C LYS A 238 -20.34 0.78 -16.76
N GLU A 239 -21.18 1.50 -17.50
CA GLU A 239 -21.47 1.18 -18.90
C GLU A 239 -20.22 1.19 -19.77
N PHE A 240 -19.26 2.07 -19.49
CA PHE A 240 -18.07 2.23 -20.34
C PHE A 240 -16.82 1.61 -19.72
N GLY A 241 -16.96 0.81 -18.67
CA GLY A 241 -15.81 0.19 -18.04
C GLY A 241 -14.97 1.12 -17.20
N LEU A 242 -15.54 2.20 -16.68
CA LEU A 242 -14.81 3.09 -15.79
C LEU A 242 -14.62 2.44 -14.42
N ILE A 243 -13.42 2.58 -13.86
CA ILE A 243 -13.14 2.06 -12.51
C ILE A 243 -12.38 3.12 -11.72
N PRO A 244 -12.49 3.06 -10.40
CA PRO A 244 -11.70 3.98 -9.56
C PRO A 244 -10.23 3.57 -9.48
N VAL A 245 -9.37 4.58 -9.41
CA VAL A 245 -7.93 4.35 -9.24
C VAL A 245 -7.55 4.61 -7.79
N GLY A 246 -6.81 3.69 -7.18
CA GLY A 246 -6.36 3.87 -5.82
C GLY A 246 -5.07 4.66 -5.74
N SER A 247 -4.62 4.90 -4.51
CA SER A 247 -3.45 5.74 -4.29
C SER A 247 -2.14 5.07 -4.68
N ARG A 248 -2.10 3.75 -4.85
CA ARG A 248 -0.86 3.10 -5.27
C ARG A 248 -0.57 3.39 -6.73
N ALA A 249 -1.56 3.19 -7.61
CA ALA A 249 -1.36 3.48 -9.03
C ALA A 249 -1.42 4.98 -9.34
N TYR A 250 -2.27 5.74 -8.63
CA TYR A 250 -2.52 7.14 -8.98
C TYR A 250 -1.25 7.92 -9.36
N PRO A 251 -0.24 8.04 -8.48
CA PRO A 251 0.86 8.97 -8.77
C PRO A 251 1.78 8.52 -9.90
N SER A 252 1.69 7.26 -10.35
CA SER A 252 2.50 6.82 -11.48
C SER A 252 1.99 7.36 -12.81
N ASN A 253 0.75 7.86 -12.85
CA ASN A 253 0.23 8.45 -14.07
C ASN A 253 1.17 9.52 -14.63
N THR A 254 1.84 10.27 -13.76
CA THR A 254 2.68 11.38 -14.23
C THR A 254 3.94 10.90 -14.92
N LEU A 255 4.30 9.62 -14.74
CA LEU A 255 5.43 9.08 -15.50
C LEU A 255 5.10 9.05 -16.98
N GLU A 256 3.85 8.76 -17.32
CA GLU A 256 3.43 8.72 -18.71
C GLU A 256 3.16 10.12 -19.26
N SER A 257 2.63 11.02 -18.42
CA SER A 257 2.20 12.34 -18.89
C SER A 257 3.31 13.37 -18.89
N GLY A 258 4.31 13.25 -18.01
CA GLY A 258 5.54 14.02 -18.12
C GLY A 258 5.77 15.13 -17.10
N TRP A 259 4.90 15.31 -16.11
CA TRP A 259 5.07 16.39 -15.14
C TRP A 259 5.97 15.94 -13.99
N ILE A 260 7.02 16.71 -13.72
CA ILE A 260 7.89 16.41 -12.57
C ILE A 260 7.29 17.05 -11.33
N PRO A 261 6.85 16.24 -10.35
CA PRO A 261 6.17 16.81 -9.19
C PRO A 261 7.12 17.35 -8.15
N SER A 262 8.39 16.98 -8.19
CA SER A 262 9.22 17.08 -7.00
C SER A 262 10.51 17.89 -7.12
N PRO A 263 10.52 19.07 -7.76
CA PRO A 263 11.74 19.90 -7.69
C PRO A 263 12.02 20.26 -6.23
N LEU A 264 13.29 20.29 -5.87
CA LEU A 264 13.65 20.80 -4.55
C LEU A 264 13.32 22.29 -4.49
N PRO A 265 12.60 22.75 -3.47
CA PRO A 265 12.38 24.20 -3.33
C PRO A 265 13.70 24.92 -3.07
N ALA A 266 14.04 25.84 -3.98
CA ALA A 266 15.43 26.30 -4.05
C ALA A 266 15.65 27.49 -3.11
N ILE A 267 15.36 27.26 -1.83
CA ILE A 267 15.27 28.36 -0.88
C ILE A 267 16.29 28.26 0.24
N TYR A 268 17.24 27.32 0.14
CA TYR A 268 18.10 26.97 1.27
C TYR A 268 19.31 27.87 1.42
N THR A 269 19.64 28.64 0.38
CA THR A 269 20.81 29.50 0.40
C THR A 269 20.45 30.85 -0.21
N GLY A 270 21.34 31.81 -0.02
CA GLY A 270 21.19 33.12 -0.62
C GLY A 270 20.69 34.12 0.39
N ASP A 271 21.36 35.27 0.51
CA ASP A 271 20.94 36.32 1.44
C ASP A 271 19.55 36.85 1.12
N LYS A 272 19.19 36.88 -0.17
CA LYS A 272 17.89 37.44 -0.53
C LYS A 272 16.74 36.53 -0.14
N LEU A 273 17.04 35.31 0.34
CA LEU A 273 16.03 34.37 0.80
C LEU A 273 16.13 34.10 2.30
N LYS A 274 17.04 34.79 3.00
CA LYS A 274 17.21 34.55 4.43
C LYS A 274 15.94 34.89 5.21
N ALA A 275 15.32 36.06 4.91
CA ALA A 275 14.09 36.44 5.60
C ALA A 275 13.00 35.41 5.36
N TYR A 276 12.95 34.81 4.17
CA TYR A 276 11.96 33.76 3.94
C TYR A 276 12.27 32.53 4.79
N ARG A 277 13.55 32.16 4.91
CA ARG A 277 13.91 31.03 5.76
C ARG A 277 13.59 31.30 7.23
N GLU A 278 13.64 32.56 7.64
CA GLU A 278 13.36 32.93 9.03
C GLU A 278 11.88 32.96 9.32
N TRP A 279 11.03 32.87 8.30
CA TRP A 279 9.58 32.81 8.42
C TRP A 279 9.04 31.40 8.27
N LEU A 280 9.63 30.61 7.39
CA LEU A 280 9.20 29.24 7.16
C LEU A 280 9.22 28.46 8.47
N PRO A 281 8.16 27.73 8.81
CA PRO A 281 8.14 26.98 10.08
C PRO A 281 9.25 25.93 10.15
N ALA A 282 9.66 25.61 11.38
CA ALA A 282 10.66 24.58 11.61
C ALA A 282 10.13 23.16 11.32
N ASN A 283 8.82 22.97 11.24
CA ASN A 283 8.24 21.69 10.82
C ASN A 283 7.66 21.77 9.41
N SER A 284 8.07 22.76 8.63
CA SER A 284 7.60 22.89 7.25
C SER A 284 8.07 21.72 6.39
N TYR A 285 7.40 21.56 5.25
CA TYR A 285 7.87 20.69 4.18
C TYR A 285 9.36 20.87 3.93
N GLU A 286 9.81 22.13 3.85
CA GLU A 286 11.20 22.45 3.51
C GLU A 286 12.17 22.03 4.61
N ALA A 287 11.76 22.16 5.87
CA ALA A 287 12.64 21.85 7.00
C ALA A 287 12.72 20.35 7.25
N SER A 288 11.61 19.64 7.09
CA SER A 288 11.50 18.28 7.60
C SER A 288 11.58 17.20 6.53
N GLY A 289 11.50 17.55 5.25
CA GLY A 289 11.46 16.57 4.19
C GLY A 289 12.81 15.92 3.93
N ALA A 290 12.87 15.20 2.80
CA ALA A 290 13.99 14.32 2.51
C ALA A 290 14.38 14.39 1.04
N ILE A 291 15.68 14.20 0.79
CA ILE A 291 16.23 14.00 -0.54
C ILE A 291 16.74 12.56 -0.62
N GLY A 292 16.38 11.85 -1.67
CA GLY A 292 16.84 10.50 -1.86
C GLY A 292 17.48 10.33 -3.23
N GLY A 293 18.39 9.37 -3.32
CA GLY A 293 18.95 8.95 -4.59
C GLY A 293 20.46 9.06 -4.65
N SER A 294 20.97 8.76 -5.84
CA SER A 294 22.41 8.61 -6.00
C SER A 294 23.15 9.91 -6.22
N PHE A 295 22.47 11.00 -6.57
CA PHE A 295 23.20 12.24 -6.81
C PHE A 295 23.64 12.83 -5.49
N VAL A 296 24.96 12.98 -5.31
CA VAL A 296 25.55 13.40 -4.05
C VAL A 296 26.41 14.64 -4.30
N SER A 297 26.15 15.69 -3.53
CA SER A 297 26.99 16.88 -3.50
C SER A 297 26.89 17.46 -2.11
N SER A 298 27.96 18.12 -1.66
CA SER A 298 27.90 18.83 -0.39
C SER A 298 27.23 20.20 -0.53
N ASN A 299 26.90 20.62 -1.75
CA ASN A 299 26.33 21.93 -2.04
C ASN A 299 24.86 21.76 -2.41
N ILE A 300 23.97 22.23 -1.53
CA ILE A 300 22.53 22.09 -1.77
C ILE A 300 22.11 22.71 -3.10
N GLU A 301 22.82 23.76 -3.54
CA GLU A 301 22.46 24.44 -4.79
C GLU A 301 22.59 23.54 -6.02
N ASP A 302 23.41 22.49 -5.96
CA ASP A 302 23.47 21.57 -7.09
C ASP A 302 22.19 20.78 -7.29
N TYR A 303 21.28 20.78 -6.32
CA TYR A 303 19.97 20.14 -6.49
C TYR A 303 18.91 21.09 -7.05
N TYR A 304 19.21 22.38 -7.17
CA TYR A 304 18.24 23.35 -7.66
C TYR A 304 18.01 23.17 -9.17
N VAL A 305 16.80 23.51 -9.63
CA VAL A 305 16.53 23.59 -11.07
C VAL A 305 15.95 24.96 -11.39
N ASN A 306 16.14 25.41 -12.62
CA ASN A 306 15.47 26.60 -13.10
C ASN A 306 14.36 26.19 -14.07
N PRO A 307 13.44 27.09 -14.43
CA PRO A 307 12.23 26.64 -15.14
C PRO A 307 12.51 26.02 -16.51
N TYR A 308 13.54 26.46 -17.21
CA TYR A 308 13.88 25.85 -18.49
C TYR A 308 14.20 24.37 -18.34
N GLU A 309 14.81 23.99 -17.21
CA GLU A 309 15.28 22.63 -17.04
C GLU A 309 14.16 21.62 -16.88
N ILE A 310 12.96 22.06 -16.48
CA ILE A 310 11.93 21.06 -16.20
C ILE A 310 10.69 21.28 -17.06
N GLY A 311 10.86 21.90 -18.22
CA GLY A 311 9.77 22.01 -19.17
C GLY A 311 8.96 23.30 -19.10
N TYR A 312 9.37 24.27 -18.28
CA TYR A 312 8.58 25.47 -18.07
C TYR A 312 9.15 26.69 -18.80
N GLY A 313 10.22 26.50 -19.56
CA GLY A 313 10.77 27.52 -20.43
C GLY A 313 9.72 28.27 -21.22
N PRO A 314 8.83 27.55 -21.91
CA PRO A 314 7.78 28.25 -22.67
C PRO A 314 6.89 29.16 -21.83
N PHE A 315 6.80 28.95 -20.51
CA PHE A 315 5.95 29.77 -19.67
C PHE A 315 6.57 31.13 -19.35
N VAL A 316 7.89 31.24 -19.42
CA VAL A 316 8.56 32.46 -19.01
C VAL A 316 8.19 33.58 -19.97
N LYS A 317 7.65 34.68 -19.43
CA LYS A 317 7.32 35.85 -20.24
C LYS A 317 7.79 37.08 -19.48
N PHE A 318 8.59 37.91 -20.15
CA PHE A 318 9.15 39.08 -19.50
C PHE A 318 8.29 40.32 -19.67
N ASP A 319 6.99 40.14 -19.94
CA ASP A 319 6.07 41.26 -20.11
C ASP A 319 5.58 41.87 -18.79
N HIS A 320 6.08 41.40 -17.64
CA HIS A 320 5.62 41.90 -16.34
C HIS A 320 6.78 41.85 -15.35
N ASP A 321 6.65 42.56 -14.23
CA ASP A 321 7.61 42.46 -13.15
C ASP A 321 7.35 41.16 -12.37
N PHE A 322 8.41 40.48 -11.98
CA PHE A 322 8.24 39.31 -11.10
C PHE A 322 9.54 38.98 -10.39
N ILE A 323 9.43 38.37 -9.22
CA ILE A 323 10.61 37.95 -8.47
C ILE A 323 11.41 36.98 -9.32
N GLY A 324 12.71 37.24 -9.46
CA GLY A 324 13.57 36.42 -10.29
C GLY A 324 13.65 36.83 -11.75
N ARG A 325 12.97 37.92 -12.15
CA ARG A 325 13.00 38.35 -13.56
C ARG A 325 14.43 38.63 -14.03
N ASP A 326 15.18 39.42 -13.26
CA ASP A 326 16.56 39.74 -13.68
C ASP A 326 17.40 38.48 -13.81
N ALA A 327 17.26 37.55 -12.85
CA ALA A 327 18.04 36.32 -12.91
C ALA A 327 17.68 35.50 -14.14
N LEU A 328 16.39 35.42 -14.48
CA LEU A 328 15.99 34.60 -15.63
C LEU A 328 16.41 35.24 -16.94
N GLU A 329 16.39 36.59 -17.02
CA GLU A 329 16.86 37.27 -18.21
C GLU A 329 18.31 36.89 -18.52
N ALA A 330 19.14 36.79 -17.48
CA ALA A 330 20.56 36.51 -17.65
C ALA A 330 20.85 35.06 -18.04
N ILE A 331 19.83 34.19 -18.08
CA ILE A 331 20.01 32.77 -18.42
C ILE A 331 19.84 32.62 -19.92
N ASP A 332 20.70 31.80 -20.54
CA ASP A 332 20.58 31.48 -21.95
C ASP A 332 19.70 30.23 -22.09
N PRO A 333 18.47 30.35 -22.58
CA PRO A 333 17.60 29.17 -22.70
C PRO A 333 18.21 28.06 -23.53
N ALA A 334 19.08 28.39 -24.48
CA ALA A 334 19.59 27.41 -25.42
C ALA A 334 20.63 26.46 -24.83
N THR A 335 21.30 26.86 -23.74
CA THR A 335 22.30 26.00 -23.13
C THR A 335 21.81 25.30 -21.85
N GLN A 336 20.50 25.33 -21.58
CA GLN A 336 19.97 24.75 -20.34
C GLN A 336 19.63 23.28 -20.54
N ARG A 337 19.69 22.52 -19.44
CA ARG A 337 19.21 21.15 -19.47
C ARG A 337 17.74 21.09 -19.87
N LYS A 338 17.34 19.94 -20.38
CA LYS A 338 15.99 19.72 -20.89
C LYS A 338 15.33 18.55 -20.19
N LYS A 339 14.02 18.65 -20.02
CA LYS A 339 13.24 17.56 -19.46
C LYS A 339 13.03 16.47 -20.50
N VAL A 340 13.28 15.22 -20.11
CA VAL A 340 13.07 14.06 -20.97
C VAL A 340 12.43 12.96 -20.12
N THR A 341 11.98 11.91 -20.80
CA THR A 341 11.70 10.63 -20.14
C THR A 341 12.86 9.69 -20.39
N LEU A 342 13.26 8.95 -19.35
CA LEU A 342 14.28 7.92 -19.45
C LEU A 342 13.58 6.57 -19.42
N ALA A 343 13.83 5.74 -20.45
CA ALA A 343 13.24 4.41 -20.53
C ALA A 343 14.29 3.42 -20.02
N TRP A 344 14.00 2.81 -18.87
CA TRP A 344 14.97 1.97 -18.17
C TRP A 344 15.05 0.58 -18.80
N ASN A 345 16.28 0.10 -18.99
CA ASN A 345 16.50 -1.18 -19.66
C ASN A 345 15.85 -2.34 -18.89
N GLY A 346 15.03 -3.12 -19.59
CA GLY A 346 14.25 -4.15 -18.92
C GLY A 346 15.06 -5.32 -18.40
N ASP A 347 16.23 -5.58 -18.99
CA ASP A 347 17.11 -6.62 -18.43
C ASP A 347 17.77 -6.13 -17.16
N ASP A 348 18.10 -4.84 -17.08
CA ASP A 348 18.66 -4.29 -15.85
C ASP A 348 17.61 -4.27 -14.74
N MET A 349 16.35 -3.99 -15.09
CA MET A 349 15.26 -4.09 -14.12
C MET A 349 15.13 -5.52 -13.58
N ALA A 350 15.18 -6.52 -14.48
CA ALA A 350 15.09 -7.91 -14.05
C ALA A 350 16.20 -8.26 -13.08
N LYS A 351 17.39 -7.72 -13.32
CA LYS A 351 18.53 -7.96 -12.44
C LYS A 351 18.34 -7.27 -11.09
N ILE A 352 17.68 -6.11 -11.07
CA ILE A 352 17.43 -5.44 -9.80
C ILE A 352 16.52 -6.31 -8.93
N TYR A 353 15.45 -6.86 -9.52
CA TYR A 353 14.53 -7.68 -8.76
C TYR A 353 15.09 -9.07 -8.45
N ALA A 354 15.94 -9.62 -9.33
CA ALA A 354 16.50 -10.94 -9.07
C ALA A 354 17.32 -10.95 -7.78
N SER A 355 18.01 -9.85 -7.47
CA SER A 355 18.88 -9.80 -6.31
C SER A 355 18.13 -9.92 -5.00
N LEU A 356 16.81 -9.65 -4.98
CA LEU A 356 16.03 -9.88 -3.77
C LEU A 356 15.91 -11.35 -3.42
N PHE A 357 16.06 -12.23 -4.41
CA PHE A 357 15.90 -13.67 -4.22
C PHE A 357 17.23 -14.41 -4.19
N ASP A 358 18.33 -13.70 -3.95
CA ASP A 358 19.67 -14.26 -3.88
C ASP A 358 20.04 -14.48 -2.42
N THR A 359 19.94 -15.74 -1.98
CA THR A 359 20.23 -16.09 -0.59
C THR A 359 21.72 -16.04 -0.26
N GLU A 360 22.59 -15.87 -1.25
CA GLU A 360 24.02 -15.94 -0.99
C GLU A 360 24.71 -14.59 -1.03
N ALA A 361 24.19 -13.63 -1.79
CA ALA A 361 24.84 -12.33 -1.95
C ALA A 361 24.93 -11.59 -0.62
N ASP A 362 26.06 -10.91 -0.41
CA ASP A 362 26.18 -10.00 0.73
C ASP A 362 25.18 -8.85 0.64
N ALA A 363 24.82 -8.41 -0.58
CA ALA A 363 23.95 -7.26 -0.73
C ALA A 363 23.09 -7.42 -1.97
N HIS A 364 21.96 -6.69 -1.98
CA HIS A 364 21.05 -6.66 -3.13
C HIS A 364 20.91 -5.21 -3.60
N TYR A 365 20.34 -5.04 -4.78
CA TYR A 365 20.15 -3.69 -5.31
C TYR A 365 18.92 -3.03 -4.67
N LYS A 366 18.91 -1.69 -4.68
CA LYS A 366 17.86 -0.93 -4.01
C LYS A 366 16.48 -1.40 -4.46
N PHE A 367 15.63 -1.68 -3.48
CA PHE A 367 14.28 -2.16 -3.79
C PHE A 367 13.54 -1.14 -4.65
N PHE A 368 12.92 -1.62 -5.73
CA PHE A 368 12.24 -0.78 -6.71
C PHE A 368 10.75 -1.08 -6.59
N ASP A 369 10.04 -0.26 -5.82
CA ASP A 369 8.62 -0.50 -5.57
C ASP A 369 7.80 -0.22 -6.82
N LEU A 370 6.65 -0.88 -6.91
CA LEU A 370 5.81 -0.83 -8.10
C LEU A 370 4.38 -0.46 -7.72
N PRO A 371 3.75 0.47 -8.47
CA PRO A 371 4.35 1.07 -9.66
C PRO A 371 5.14 2.36 -9.45
N LEU A 372 5.34 2.81 -8.21
CA LEU A 372 6.11 4.01 -7.95
C LEU A 372 7.29 3.67 -7.05
N ALA A 373 8.48 4.11 -7.44
CA ALA A 373 9.71 3.69 -6.79
C ALA A 373 10.38 4.76 -5.95
N ASN A 374 9.82 5.96 -5.88
CA ASN A 374 10.42 7.02 -5.09
C ASN A 374 10.45 6.63 -3.61
N TYR A 375 11.51 7.06 -2.92
CA TYR A 375 11.60 6.82 -1.48
C TYR A 375 11.98 8.09 -0.72
N ALA A 376 11.67 9.25 -1.30
CA ALA A 376 11.79 10.54 -0.63
C ALA A 376 10.85 11.51 -1.32
N ASN A 377 10.65 12.67 -0.72
CA ASN A 377 9.76 13.61 -1.39
C ASN A 377 10.49 14.44 -2.44
N THR A 378 11.81 14.58 -2.33
CA THR A 378 12.63 15.07 -3.44
C THR A 378 13.53 13.93 -3.90
N ASN A 379 13.53 13.64 -5.21
CA ASN A 379 14.30 12.54 -5.79
C ASN A 379 15.41 13.10 -6.67
N ALA A 380 16.61 12.52 -6.52
CA ALA A 380 17.78 13.02 -7.25
C ALA A 380 18.75 11.86 -7.49
N ASP A 381 18.55 11.15 -8.60
CA ASP A 381 19.49 10.13 -9.07
C ASP A 381 20.39 10.70 -10.15
N ALA A 382 21.70 10.42 -10.06
CA ALA A 382 22.63 10.92 -11.06
C ALA A 382 22.43 10.21 -12.39
N VAL A 383 22.49 10.99 -13.47
CA VAL A 383 22.45 10.47 -14.84
C VAL A 383 23.86 10.63 -15.44
N LEU A 384 24.42 9.54 -15.93
CA LEU A 384 25.83 9.49 -16.35
C LEU A 384 25.95 9.16 -17.82
N ASP A 385 26.99 9.71 -18.46
CA ASP A 385 27.32 9.33 -19.83
C ASP A 385 28.31 8.15 -19.80
N ALA A 386 28.67 7.66 -20.99
CA ALA A 386 29.57 6.51 -21.10
C ALA A 386 30.90 6.73 -20.39
N ALA A 387 31.33 7.97 -20.20
CA ALA A 387 32.56 8.28 -19.49
C ALA A 387 32.36 8.47 -17.99
N GLY A 388 31.12 8.36 -17.50
CA GLY A 388 30.85 8.58 -16.10
C GLY A 388 30.69 10.03 -15.69
N ASN A 389 30.60 10.96 -16.63
CA ASN A 389 30.27 12.34 -16.29
C ASN A 389 28.80 12.45 -15.91
N VAL A 390 28.52 13.21 -14.86
CA VAL A 390 27.14 13.53 -14.51
C VAL A 390 26.58 14.43 -15.60
N VAL A 391 25.59 13.94 -16.36
CA VAL A 391 24.98 14.73 -17.42
C VAL A 391 23.51 15.02 -17.14
N GLY A 392 22.99 14.64 -15.98
CA GLY A 392 21.58 14.83 -15.74
C GLY A 392 21.20 14.43 -14.34
N MET A 393 19.91 14.62 -14.04
CA MET A 393 19.34 14.32 -12.74
C MET A 393 17.98 13.69 -12.99
N SER A 394 17.79 12.47 -12.48
CA SER A 394 16.52 11.77 -12.62
C SER A 394 15.69 12.07 -11.37
N MET A 395 14.40 12.40 -11.57
CA MET A 395 13.64 13.08 -10.53
C MET A 395 12.32 12.44 -10.11
N PHE A 396 11.86 11.38 -10.78
CA PHE A 396 10.60 10.73 -10.45
C PHE A 396 10.62 9.38 -11.15
N THR A 397 10.36 8.30 -10.43
CA THR A 397 10.74 6.98 -10.92
C THR A 397 9.67 5.95 -10.63
N GLY A 398 9.34 5.15 -11.63
CA GLY A 398 8.46 4.02 -11.43
C GLY A 398 8.26 3.17 -12.66
N TYR A 399 7.05 2.65 -12.86
CA TYR A 399 6.80 1.66 -13.89
C TYR A 399 5.41 1.85 -14.45
N SER A 400 5.27 1.62 -15.75
CA SER A 400 3.99 1.68 -16.44
C SER A 400 3.60 0.28 -16.93
N TYR A 401 2.48 -0.24 -16.45
CA TYR A 401 1.96 -1.48 -17.01
C TYR A 401 1.51 -1.31 -18.46
N ASN A 402 1.20 -0.08 -18.88
CA ASN A 402 0.83 0.16 -20.27
C ASN A 402 2.03 -0.01 -21.18
N GLU A 403 3.22 0.42 -20.74
CA GLU A 403 4.41 0.29 -21.55
C GLU A 403 5.19 -1.00 -21.30
N LYS A 404 4.88 -1.72 -20.20
CA LYS A 404 5.74 -2.79 -19.71
C LYS A 404 7.19 -2.32 -19.56
N ARG A 405 7.35 -1.12 -19.01
CA ARG A 405 8.65 -0.47 -18.88
C ARG A 405 8.73 0.32 -17.59
N ALA A 406 9.91 0.29 -16.97
CA ALA A 406 10.24 1.26 -15.94
C ALA A 406 10.60 2.58 -16.62
N LEU A 407 10.16 3.68 -16.01
CA LEU A 407 10.41 5.01 -16.56
C LEU A 407 10.82 5.94 -15.45
N SER A 408 11.64 6.93 -15.81
CA SER A 408 11.90 8.04 -14.92
C SER A 408 11.83 9.34 -15.70
N LEU A 409 11.49 10.42 -15.01
CA LEU A 409 11.51 11.77 -15.57
C LEU A 409 12.82 12.40 -15.14
N ALA A 410 13.52 13.01 -16.10
CA ALA A 410 14.85 13.53 -15.82
C ALA A 410 15.05 14.86 -16.53
N THR A 411 16.08 15.58 -16.09
CA THR A 411 16.55 16.76 -16.79
C THR A 411 18.02 16.53 -17.13
N ILE A 412 18.37 16.65 -18.42
CA ILE A 412 19.67 16.23 -18.93
C ILE A 412 20.24 17.32 -19.83
N ASP A 413 21.56 17.25 -20.04
CA ASP A 413 22.27 18.22 -20.87
C ASP A 413 21.62 18.35 -22.25
N HIS A 414 21.51 19.59 -22.73
CA HIS A 414 20.67 19.89 -23.88
C HIS A 414 21.15 19.21 -25.15
N GLU A 415 22.46 18.97 -25.28
CA GLU A 415 22.95 18.46 -26.56
C GLU A 415 22.75 16.96 -26.72
N ILE A 416 22.34 16.26 -25.68
CA ILE A 416 22.18 14.80 -25.75
C ILE A 416 20.98 14.46 -26.63
N PRO A 417 21.18 13.73 -27.73
CA PRO A 417 20.07 13.49 -28.66
C PRO A 417 19.08 12.50 -28.10
N VAL A 418 17.83 12.60 -28.60
CA VAL A 418 16.86 11.55 -28.34
C VAL A 418 17.43 10.22 -28.81
N GLY A 419 17.01 9.14 -28.15
CA GLY A 419 17.49 7.81 -28.47
C GLY A 419 18.85 7.46 -27.90
N THR A 420 19.52 8.41 -27.25
CA THR A 420 20.82 8.13 -26.64
C THR A 420 20.65 7.21 -25.42
N GLU A 421 21.56 6.24 -25.28
CA GLU A 421 21.60 5.41 -24.08
C GLU A 421 22.54 6.06 -23.06
N LEU A 422 22.02 6.32 -21.87
CA LEU A 422 22.79 6.81 -20.74
C LEU A 422 22.64 5.81 -19.61
N THR A 423 23.20 6.12 -18.45
CA THR A 423 22.93 5.30 -17.27
C THR A 423 22.37 6.14 -16.13
N VAL A 424 21.44 5.55 -15.38
CA VAL A 424 20.97 6.11 -14.13
C VAL A 424 21.58 5.28 -13.00
N LEU A 425 22.26 5.96 -12.09
CA LEU A 425 22.79 5.30 -10.90
C LEU A 425 21.63 5.10 -9.92
N TRP A 426 21.20 3.85 -9.76
CA TRP A 426 20.06 3.51 -8.91
C TRP A 426 20.54 3.02 -7.55
N GLY A 427 20.01 3.61 -6.49
CA GLY A 427 20.43 3.34 -5.13
C GLY A 427 21.45 4.34 -4.62
N GLU A 428 21.71 4.26 -3.32
CA GLU A 428 22.54 5.22 -2.61
C GLU A 428 23.88 4.59 -2.22
N GLU A 429 24.82 5.45 -1.86
CA GLU A 429 26.19 5.03 -1.59
C GLU A 429 26.36 4.45 -0.19
N ASN A 430 27.41 3.63 -0.04
CA ASN A 430 27.88 3.14 1.26
C ASN A 430 26.80 2.39 2.02
N GLY A 431 25.97 1.64 1.30
CA GLY A 431 24.92 0.89 1.93
C GLY A 431 23.61 1.63 2.08
N GLY A 432 23.60 2.94 1.85
CA GLY A 432 22.37 3.71 1.93
C GLY A 432 22.39 4.72 3.05
N THR A 433 21.67 5.82 2.89
CA THR A 433 21.53 6.82 3.94
C THR A 433 20.68 6.27 5.07
N ARG A 434 20.50 7.11 6.11
CA ARG A 434 19.72 6.76 7.28
C ARG A 434 18.22 6.96 7.09
N LYS A 435 17.76 7.38 5.90
CA LYS A 435 16.32 7.52 5.69
C LYS A 435 15.61 6.22 6.05
N THR A 436 14.44 6.35 6.67
CA THR A 436 13.71 5.18 7.13
C THR A 436 13.10 4.39 5.98
N THR A 437 13.14 4.92 4.76
CA THR A 437 12.67 4.22 3.58
C THR A 437 13.74 3.34 2.95
N VAL A 438 14.98 3.42 3.43
CA VAL A 438 16.12 2.82 2.77
C VAL A 438 16.56 1.60 3.58
N GLU A 439 16.42 0.42 2.99
CA GLU A 439 17.04 -0.81 3.47
C GLU A 439 18.49 -0.89 2.98
N PRO A 440 19.35 -1.74 3.59
CA PRO A 440 20.73 -1.85 3.10
C PRO A 440 20.75 -2.36 1.66
N HIS A 441 21.64 -1.78 0.85
CA HIS A 441 21.69 -2.16 -0.56
C HIS A 441 23.00 -1.68 -1.17
N LYS A 442 23.24 -2.14 -2.40
CA LYS A 442 24.35 -1.69 -3.23
C LYS A 442 23.78 -1.02 -4.48
N GLN A 443 24.59 -0.16 -5.08
CA GLN A 443 24.17 0.62 -6.23
C GLN A 443 24.26 -0.19 -7.52
N MET A 444 23.48 0.23 -8.51
CA MET A 444 23.55 -0.36 -9.83
C MET A 444 23.41 0.72 -10.89
N ALA A 445 24.26 0.65 -11.92
CA ALA A 445 24.09 1.50 -13.09
C ALA A 445 23.06 0.86 -14.00
N VAL A 446 21.98 1.59 -14.28
CA VAL A 446 20.89 1.08 -15.12
C VAL A 446 20.93 1.82 -16.45
N ARG A 447 20.98 1.05 -17.55
CA ARG A 447 20.88 1.67 -18.87
C ARG A 447 19.50 2.26 -19.12
N ALA A 448 19.47 3.46 -19.69
CA ALA A 448 18.22 4.19 -19.89
C ALA A 448 18.27 4.97 -21.20
N VAL A 449 17.21 4.88 -21.99
CA VAL A 449 17.17 5.51 -23.30
C VAL A 449 16.41 6.84 -23.22
N VAL A 450 17.06 7.93 -23.64
CA VAL A 450 16.45 9.25 -23.71
C VAL A 450 15.26 9.22 -24.66
N SER A 451 14.08 9.55 -24.14
CA SER A 451 12.84 9.44 -24.88
C SER A 451 12.07 10.75 -24.75
N PRO A 452 11.07 10.97 -25.61
CA PRO A 452 10.31 12.23 -25.54
C PRO A 452 9.48 12.31 -24.27
N VAL A 453 8.92 13.50 -24.04
CA VAL A 453 8.05 13.75 -22.91
C VAL A 453 6.85 14.52 -23.44
N PRO A 454 5.61 14.02 -23.29
CA PRO A 454 5.17 12.74 -22.71
C PRO A 454 5.83 11.53 -23.38
N TYR A 455 5.93 10.42 -22.65
CA TYR A 455 6.73 9.30 -23.12
C TYR A 455 6.20 8.73 -24.43
N SER A 456 7.11 8.42 -25.35
CA SER A 456 6.81 7.57 -26.49
C SER A 456 8.04 6.70 -26.77
N VAL A 457 7.78 5.49 -27.28
CA VAL A 457 8.86 4.52 -27.46
C VAL A 457 9.86 5.03 -28.49
N THR A 458 11.13 5.06 -28.11
CA THR A 458 12.21 5.53 -28.97
C THR A 458 13.19 4.41 -29.25
N ALA A 459 13.68 4.35 -30.48
CA ALA A 459 14.72 3.38 -30.81
C ALA A 459 16.04 3.85 -30.22
N ARG A 460 16.81 2.91 -29.67
CA ARG A 460 18.14 3.25 -29.18
C ARG A 460 19.03 3.64 -30.35
N GLU A 461 19.90 4.61 -30.12
CA GLU A 461 20.89 5.03 -31.10
C GLU A 461 22.26 4.66 -30.58
N THR A 462 23.07 4.04 -31.43
CA THR A 462 24.40 3.61 -31.03
C THR A 462 25.43 4.67 -31.41
N TYR A 463 26.48 4.74 -30.58
CA TYR A 463 27.61 5.66 -30.80
C TYR A 463 28.90 4.87 -30.64
N GLU A 464 30.02 5.50 -31.01
CA GLU A 464 31.33 4.89 -30.88
C GLU A 464 31.68 4.82 -29.39
N GLY A 465 31.54 3.63 -28.81
CA GLY A 465 31.87 3.43 -27.41
C GLY A 465 30.98 4.17 -26.44
N GLY A 466 29.71 4.38 -26.80
CA GLY A 466 28.77 5.04 -25.92
C GLY A 466 28.88 6.56 -25.93
N TRP A 467 27.76 7.25 -25.76
CA TRP A 467 27.75 8.70 -25.82
C TRP A 467 28.51 9.29 -24.65
N ARG A 468 29.40 10.25 -24.93
CA ARG A 468 30.21 10.90 -23.89
C ARG A 468 30.22 12.39 -24.14
N LYS A 469 30.86 13.11 -23.21
CA LYS A 469 30.94 14.58 -23.17
C LYS A 469 29.63 15.19 -22.66
N SER B 5 -37.71 -12.47 -5.06
CA SER B 5 -36.86 -11.39 -4.59
C SER B 5 -35.41 -11.84 -4.41
N ALA B 6 -34.54 -10.86 -4.16
CA ALA B 6 -33.12 -11.11 -4.00
C ALA B 6 -32.83 -11.97 -2.76
N PRO B 7 -31.75 -12.76 -2.79
CA PRO B 7 -31.45 -13.65 -1.66
C PRO B 7 -31.19 -12.90 -0.38
N THR B 8 -31.58 -13.52 0.74
CA THR B 8 -31.22 -13.07 2.07
C THR B 8 -30.32 -14.06 2.81
N ASN B 9 -30.01 -15.22 2.23
CA ASN B 9 -29.09 -16.14 2.88
C ASN B 9 -28.21 -16.81 1.83
N LEU B 10 -27.18 -17.50 2.33
CA LEU B 10 -26.21 -18.14 1.45
C LEU B 10 -26.84 -19.28 0.66
N GLU B 11 -27.80 -20.00 1.25
CA GLU B 11 -28.40 -21.12 0.55
C GLU B 11 -29.07 -20.65 -0.75
N GLN B 12 -29.79 -19.52 -0.68
CA GLN B 12 -30.43 -18.96 -1.88
C GLN B 12 -29.40 -18.51 -2.90
N VAL B 13 -28.27 -17.96 -2.44
CA VAL B 13 -27.20 -17.56 -3.36
C VAL B 13 -26.68 -18.77 -4.11
N LEU B 14 -26.40 -19.87 -3.37
CA LEU B 14 -25.88 -21.07 -4.01
C LEU B 14 -26.90 -21.70 -4.94
N ALA B 15 -28.18 -21.68 -4.56
CA ALA B 15 -29.23 -22.25 -5.40
C ALA B 15 -29.39 -21.49 -6.71
N ALA B 16 -28.92 -20.24 -6.78
CA ALA B 16 -29.05 -19.43 -7.98
C ALA B 16 -27.80 -19.40 -8.84
N GLY B 17 -26.61 -19.53 -8.23
CA GLY B 17 -25.35 -19.17 -8.84
C GLY B 17 -24.66 -20.19 -9.72
N GLY B 18 -25.28 -21.34 -9.99
CA GLY B 18 -24.56 -22.34 -10.75
C GLY B 18 -23.52 -23.06 -9.90
N ASN B 19 -22.46 -23.51 -10.55
CA ASN B 19 -21.38 -24.21 -9.87
C ASN B 19 -20.75 -23.33 -8.79
N THR B 20 -20.62 -23.88 -7.58
CA THR B 20 -20.12 -23.10 -6.45
C THR B 20 -18.67 -22.65 -6.65
N VAL B 21 -17.81 -23.57 -7.09
CA VAL B 21 -16.40 -23.22 -7.31
C VAL B 21 -16.28 -22.11 -8.33
N GLU B 22 -17.03 -22.20 -9.43
CA GLU B 22 -16.94 -21.18 -10.47
C GLU B 22 -17.36 -19.82 -9.92
N MET B 23 -18.40 -19.80 -9.08
CA MET B 23 -18.86 -18.55 -8.48
C MET B 23 -17.79 -17.91 -7.60
N LEU B 24 -17.18 -18.71 -6.73
CA LEU B 24 -16.19 -18.17 -5.80
C LEU B 24 -14.87 -17.84 -6.49
N ARG B 25 -14.50 -18.58 -7.54
CA ARG B 25 -13.26 -18.24 -8.21
C ARG B 25 -13.39 -17.03 -9.12
N ASN B 26 -14.60 -16.50 -9.32
CA ASN B 26 -14.80 -15.33 -10.16
C ASN B 26 -15.46 -14.20 -9.38
N SER B 27 -15.48 -14.31 -8.05
CA SER B 27 -16.05 -13.27 -7.20
C SER B 27 -15.39 -11.93 -7.49
N GLN B 28 -16.18 -10.86 -7.39
CA GLN B 28 -15.72 -9.50 -7.61
C GLN B 28 -15.39 -8.78 -6.30
N ILE B 29 -15.21 -9.53 -5.21
CA ILE B 29 -14.99 -8.92 -3.89
C ILE B 29 -13.69 -8.12 -3.84
N GLY B 30 -12.70 -8.47 -4.67
CA GLY B 30 -11.42 -7.78 -4.61
C GLY B 30 -10.49 -8.37 -3.56
N ALA B 31 -9.44 -7.60 -3.24
CA ALA B 31 -8.39 -8.10 -2.36
C ALA B 31 -8.91 -8.34 -0.94
N TYR B 32 -8.24 -9.24 -0.23
CA TYR B 32 -8.43 -9.36 1.22
C TYR B 32 -7.51 -8.33 1.88
N VAL B 33 -8.12 -7.33 2.51
CA VAL B 33 -7.40 -6.15 2.99
C VAL B 33 -7.09 -6.27 4.48
N TYR B 34 -5.90 -5.85 4.87
CA TYR B 34 -5.60 -5.65 6.28
C TYR B 34 -5.78 -4.17 6.61
N PRO B 35 -6.90 -3.78 7.22
CA PRO B 35 -7.39 -2.41 7.15
C PRO B 35 -6.74 -1.45 8.15
N VAL B 36 -6.90 -0.16 7.86
CA VAL B 36 -6.78 0.97 8.77
C VAL B 36 -5.34 1.28 9.17
N VAL B 37 -4.61 0.28 9.66
CA VAL B 37 -3.21 0.48 10.01
C VAL B 37 -2.44 0.98 8.79
N ALA B 38 -1.55 1.96 9.01
CA ALA B 38 -0.71 2.47 7.94
C ALA B 38 -0.02 1.32 7.20
N PRO B 39 -0.02 1.33 5.86
CA PRO B 39 0.68 0.23 5.15
C PRO B 39 2.14 0.10 5.56
N GLU B 40 2.83 1.21 5.74
CA GLU B 40 4.23 1.16 6.16
C GLU B 40 4.50 2.34 7.09
N PHE B 41 5.37 2.11 8.07
CA PHE B 41 5.87 3.18 8.93
C PHE B 41 7.27 3.59 8.55
N SER B 42 8.14 2.63 8.31
CA SER B 42 9.44 2.91 7.72
C SER B 42 9.45 2.31 6.32
N ASN B 43 9.70 1.00 6.22
CA ASN B 43 9.50 0.26 4.98
C ASN B 43 9.38 -1.21 5.35
N TRP B 44 8.66 -1.98 4.53
CA TRP B 44 8.30 -3.33 4.94
C TRP B 44 9.52 -4.25 5.11
N ARG B 45 10.63 -3.96 4.42
CA ARG B 45 11.82 -4.80 4.57
C ARG B 45 12.46 -4.59 5.94
N THR B 46 12.65 -3.34 6.34
CA THR B 46 13.17 -3.06 7.67
C THR B 46 12.23 -3.56 8.74
N GLU B 47 10.91 -3.47 8.50
CA GLU B 47 9.95 -3.91 9.50
C GLU B 47 10.01 -5.42 9.69
N GLN B 48 10.11 -6.18 8.58
CA GLN B 48 10.34 -7.62 8.68
C GLN B 48 11.64 -7.92 9.42
N TRP B 49 12.72 -7.22 9.04
CA TRP B 49 14.02 -7.43 9.67
C TRP B 49 13.96 -7.21 11.17
N ALA B 50 13.19 -6.21 11.61
CA ALA B 50 13.17 -5.86 13.02
C ALA B 50 12.58 -6.97 13.89
N TRP B 51 11.55 -7.68 13.40
CA TRP B 51 10.98 -8.70 14.27
C TRP B 51 11.89 -9.90 14.44
N ARG B 52 12.89 -10.07 13.56
CA ARG B 52 13.91 -11.10 13.77
C ARG B 52 15.16 -10.57 14.47
N ASN B 53 15.44 -9.27 14.38
CA ASN B 53 16.72 -8.76 14.85
C ASN B 53 16.64 -7.75 15.98
N SER B 54 15.50 -7.10 16.20
CA SER B 54 15.39 -6.18 17.33
C SER B 54 14.08 -6.39 18.06
N ALA B 55 13.09 -5.52 17.83
CA ALA B 55 11.77 -5.69 18.39
C ALA B 55 10.76 -4.94 17.53
N VAL B 56 9.50 -5.39 17.58
CA VAL B 56 8.44 -4.72 16.84
C VAL B 56 7.18 -4.59 17.70
N LEU B 57 6.37 -3.60 17.33
CA LEU B 57 4.98 -3.48 17.75
C LEU B 57 4.11 -3.90 16.56
N PHE B 58 3.42 -5.02 16.71
CA PHE B 58 2.34 -5.39 15.79
C PHE B 58 1.05 -4.74 16.25
N ASP B 59 0.35 -4.06 15.33
CA ASP B 59 -0.96 -3.47 15.61
C ASP B 59 -2.03 -4.41 15.04
N GLN B 60 -2.68 -5.16 15.93
CA GLN B 60 -3.67 -6.15 15.55
C GLN B 60 -5.09 -5.67 15.81
N THR B 61 -5.27 -4.36 15.93
CA THR B 61 -6.54 -3.81 16.38
C THR B 61 -7.65 -3.90 15.33
N HIS B 62 -7.31 -4.00 14.03
CA HIS B 62 -8.32 -3.75 13.00
C HIS B 62 -8.65 -4.90 12.06
N HIS B 63 -7.88 -5.98 12.00
CA HIS B 63 -8.07 -6.95 10.93
C HIS B 63 -8.76 -8.24 11.37
N MET B 64 -9.17 -8.37 12.62
CA MET B 64 -9.82 -9.59 13.07
C MET B 64 -11.18 -9.28 13.68
N VAL B 65 -12.07 -10.27 13.62
CA VAL B 65 -13.37 -10.19 14.26
C VAL B 65 -13.23 -10.54 15.74
N ASP B 66 -13.91 -9.79 16.61
CA ASP B 66 -13.97 -10.09 18.04
C ASP B 66 -15.40 -10.52 18.40
N LEU B 67 -15.51 -11.64 19.09
CA LEU B 67 -16.82 -12.15 19.53
C LEU B 67 -16.77 -12.37 21.04
N TYR B 68 -17.47 -11.52 21.78
CA TYR B 68 -17.55 -11.65 23.24
C TYR B 68 -18.71 -12.58 23.58
N ILE B 69 -18.43 -13.61 24.35
CA ILE B 69 -19.38 -14.66 24.68
C ILE B 69 -19.47 -14.74 26.20
N ARG B 70 -20.63 -14.38 26.74
CA ARG B 70 -20.87 -14.35 28.18
C ARG B 70 -22.11 -15.17 28.51
N GLY B 71 -22.08 -15.84 29.65
CA GLY B 71 -23.29 -16.47 30.15
C GLY B 71 -23.06 -17.85 30.71
N LYS B 72 -24.13 -18.44 31.26
CA LYS B 72 -24.02 -19.73 31.94
C LYS B 72 -23.52 -20.83 31.01
N ASP B 73 -23.97 -20.84 29.76
CA ASP B 73 -23.63 -21.90 28.81
C ASP B 73 -22.48 -21.53 27.88
N ALA B 74 -21.69 -20.50 28.21
CA ALA B 74 -20.64 -20.06 27.30
C ALA B 74 -19.59 -21.15 27.11
N LEU B 75 -19.13 -21.75 28.21
CA LEU B 75 -18.17 -22.83 28.10
C LEU B 75 -18.77 -24.05 27.39
N LYS B 76 -20.04 -24.36 27.67
CA LYS B 76 -20.71 -25.47 27.02
C LYS B 76 -20.73 -25.27 25.50
N LEU B 77 -21.06 -24.04 25.05
CA LEU B 77 -21.07 -23.71 23.63
C LEU B 77 -19.72 -23.99 22.98
N LEU B 78 -18.64 -23.59 23.65
CA LEU B 78 -17.30 -23.84 23.12
C LEU B 78 -16.97 -25.32 23.11
N SER B 79 -17.29 -26.01 24.21
CA SER B 79 -17.02 -27.43 24.27
C SER B 79 -17.76 -28.17 23.16
N ASP B 80 -19.04 -27.85 22.97
CA ASP B 80 -19.82 -28.54 21.95
C ASP B 80 -19.28 -28.34 20.52
N THR B 81 -18.53 -27.25 20.25
CA THR B 81 -18.16 -26.94 18.88
C THR B 81 -16.67 -27.03 18.57
N MET B 82 -15.80 -27.25 19.55
CA MET B 82 -14.38 -27.31 19.29
C MET B 82 -13.82 -28.74 19.36
N ILE B 83 -12.79 -28.99 18.57
CA ILE B 83 -12.05 -30.24 18.67
C ILE B 83 -11.21 -30.27 19.93
N ASN B 84 -10.95 -29.11 20.54
CA ASN B 84 -10.00 -29.03 21.64
C ASN B 84 -10.60 -29.61 22.92
N SER B 85 -9.72 -30.13 23.77
CA SER B 85 -10.18 -30.59 25.08
C SER B 85 -10.58 -29.41 25.95
N PRO B 86 -11.78 -29.40 26.51
CA PRO B 86 -12.14 -28.39 27.51
C PRO B 86 -11.71 -28.75 28.93
N LYS B 87 -11.10 -29.92 29.13
CA LYS B 87 -10.79 -30.41 30.47
C LYS B 87 -9.63 -29.63 31.08
N GLY B 88 -9.83 -29.17 32.31
CA GLY B 88 -8.82 -28.38 32.98
C GLY B 88 -8.74 -26.95 32.52
N TRP B 89 -9.62 -26.53 31.61
CA TRP B 89 -9.60 -25.16 31.11
C TRP B 89 -10.16 -24.23 32.19
N GLU B 90 -9.30 -23.34 32.67
CA GLU B 90 -9.65 -22.34 33.67
C GLU B 90 -9.39 -20.94 33.11
N PRO B 91 -9.97 -19.90 33.72
CA PRO B 91 -9.66 -18.53 33.28
C PRO B 91 -8.17 -18.24 33.25
N ASN B 92 -7.79 -17.29 32.38
CA ASN B 92 -6.40 -16.89 32.14
C ASN B 92 -5.60 -17.96 31.43
N LYS B 93 -6.29 -18.82 30.69
CA LYS B 93 -5.67 -19.68 29.70
C LYS B 93 -6.41 -19.47 28.39
N ALA B 94 -5.67 -19.31 27.30
CA ALA B 94 -6.29 -19.20 25.98
C ALA B 94 -6.09 -20.49 25.19
N LYS B 95 -6.98 -20.73 24.23
CA LYS B 95 -6.86 -21.87 23.33
C LYS B 95 -6.99 -21.41 21.89
N GLN B 96 -6.38 -22.17 20.98
CA GLN B 96 -6.64 -22.01 19.55
C GLN B 96 -7.90 -22.82 19.23
N TYR B 97 -9.03 -22.15 19.26
CA TYR B 97 -10.33 -22.77 18.99
C TYR B 97 -10.40 -23.20 17.53
N VAL B 98 -10.63 -24.50 17.29
CA VAL B 98 -10.78 -25.04 15.94
C VAL B 98 -12.10 -25.81 15.84
N PRO B 99 -13.14 -25.25 15.23
CA PRO B 99 -14.37 -26.02 15.01
C PRO B 99 -14.38 -26.74 13.67
N VAL B 100 -14.94 -27.96 13.66
CA VAL B 100 -15.21 -28.68 12.43
C VAL B 100 -16.71 -28.88 12.24
N THR B 101 -17.09 -29.14 10.98
CA THR B 101 -18.45 -29.47 10.60
C THR B 101 -18.77 -30.89 11.03
N PRO B 102 -20.05 -31.33 10.93
CA PRO B 102 -20.35 -32.75 11.18
C PRO B 102 -19.60 -33.71 10.26
N TYR B 103 -19.05 -33.22 9.13
CA TYR B 103 -18.31 -34.05 8.21
C TYR B 103 -16.81 -34.04 8.49
N GLY B 104 -16.37 -33.35 9.55
CA GLY B 104 -14.97 -33.36 9.95
C GLY B 104 -14.07 -32.35 9.26
N HIS B 105 -14.62 -31.39 8.52
CA HIS B 105 -13.80 -30.40 7.83
C HIS B 105 -13.74 -29.11 8.65
N VAL B 106 -12.60 -28.42 8.54
CA VAL B 106 -12.36 -27.18 9.29
C VAL B 106 -13.29 -26.07 8.80
N ILE B 107 -13.97 -25.42 9.75
CA ILE B 107 -14.74 -24.23 9.44
C ILE B 107 -13.84 -23.00 9.48
N GLY B 108 -12.95 -22.96 10.46
CA GLY B 108 -12.05 -21.84 10.65
C GLY B 108 -11.30 -22.05 11.94
N ASP B 109 -10.77 -20.96 12.50
CA ASP B 109 -10.09 -21.04 13.78
C ASP B 109 -9.83 -19.63 14.27
N GLY B 110 -9.53 -19.54 15.57
CA GLY B 110 -9.15 -18.27 16.18
C GLY B 110 -8.62 -18.54 17.57
N ILE B 111 -8.33 -17.47 18.30
CA ILE B 111 -7.90 -17.58 19.68
C ILE B 111 -9.08 -17.26 20.57
N ILE B 112 -9.39 -18.16 21.51
CA ILE B 112 -10.43 -17.90 22.49
C ILE B 112 -9.76 -17.69 23.85
N PHE B 113 -10.01 -16.52 24.43
CA PHE B 113 -9.49 -16.16 25.73
C PHE B 113 -10.55 -16.54 26.77
N TYR B 114 -10.15 -17.29 27.77
CA TYR B 114 -10.99 -17.50 28.95
C TYR B 114 -10.73 -16.33 29.91
N LEU B 115 -11.60 -15.31 29.87
CA LEU B 115 -11.31 -14.06 30.58
C LEU B 115 -11.65 -14.15 32.06
N ALA B 116 -12.89 -14.56 32.37
CA ALA B 116 -13.36 -14.79 33.72
C ALA B 116 -14.35 -15.94 33.64
N GLU B 117 -14.87 -16.37 34.79
CA GLU B 117 -15.94 -17.36 34.77
C GLU B 117 -17.08 -16.81 33.93
N GLU B 118 -17.64 -17.67 33.07
CA GLU B 118 -18.73 -17.30 32.15
C GLU B 118 -18.39 -16.10 31.27
N GLU B 119 -17.11 -15.92 30.92
CA GLU B 119 -16.74 -14.79 30.07
C GLU B 119 -15.58 -15.18 29.18
N PHE B 120 -15.81 -15.12 27.86
CA PHE B 120 -14.89 -15.55 26.84
C PHE B 120 -14.87 -14.52 25.73
N VAL B 121 -13.79 -14.50 24.95
CA VAL B 121 -13.75 -13.69 23.73
C VAL B 121 -13.01 -14.48 22.66
N TYR B 122 -13.62 -14.58 21.47
CA TYR B 122 -13.01 -15.17 20.30
C TYR B 122 -12.40 -14.07 19.46
N VAL B 123 -11.23 -14.33 18.88
CA VAL B 123 -10.56 -13.38 18.00
C VAL B 123 -10.03 -14.13 16.79
N GLY B 124 -10.47 -13.72 15.60
CA GLY B 124 -10.00 -14.35 14.39
C GLY B 124 -10.82 -13.88 13.19
N ARG B 125 -10.66 -14.60 12.08
CA ARG B 125 -11.44 -14.30 10.88
C ARG B 125 -12.93 -14.57 11.12
N ALA B 126 -13.75 -14.08 10.20
CA ALA B 126 -15.21 -14.19 10.34
C ALA B 126 -15.76 -15.62 10.45
N PRO B 127 -15.27 -16.63 9.70
CA PRO B 127 -16.02 -17.91 9.65
C PRO B 127 -16.27 -18.58 10.99
N ALA B 128 -15.25 -18.70 11.85
CA ALA B 128 -15.48 -19.37 13.13
C ALA B 128 -16.37 -18.52 14.03
N ALA B 129 -16.32 -17.19 13.88
CA ALA B 129 -17.24 -16.32 14.60
C ALA B 129 -18.68 -16.53 14.15
N ASN B 130 -18.89 -16.67 12.84
CA ASN B 130 -20.23 -16.93 12.31
C ASN B 130 -20.81 -18.23 12.87
N TRP B 131 -19.96 -19.26 12.96
CA TRP B 131 -20.39 -20.58 13.43
C TRP B 131 -20.82 -20.52 14.90
N LEU B 132 -20.00 -19.86 15.73
CA LEU B 132 -20.34 -19.65 17.14
C LEU B 132 -21.66 -18.91 17.30
N MET B 133 -21.88 -17.85 16.51
CA MET B 133 -23.11 -17.06 16.62
C MET B 133 -24.33 -17.87 16.19
N TYR B 134 -24.20 -18.66 15.13
CA TYR B 134 -25.31 -19.52 14.71
C TYR B 134 -25.72 -20.45 15.85
N HIS B 135 -24.76 -21.15 16.44
CA HIS B 135 -25.13 -22.11 17.48
C HIS B 135 -25.61 -21.40 18.74
N ALA B 136 -25.05 -20.23 19.05
CA ALA B 136 -25.53 -19.47 20.21
C ALA B 136 -26.98 -19.06 20.02
N GLN B 137 -27.36 -18.67 18.80
CA GLN B 137 -28.72 -18.18 18.59
C GLN B 137 -29.73 -19.31 18.45
N THR B 138 -29.34 -20.43 17.83
CA THR B 138 -30.30 -21.48 17.49
C THR B 138 -30.19 -22.74 18.34
N GLY B 139 -29.08 -22.95 19.04
CA GLY B 139 -28.89 -24.19 19.77
C GLY B 139 -29.47 -24.24 21.18
N GLY B 140 -30.22 -23.23 21.59
CA GLY B 140 -30.78 -23.23 22.94
C GLY B 140 -29.76 -23.03 24.05
N TYR B 141 -28.72 -22.23 23.80
CA TYR B 141 -27.71 -21.95 24.81
C TYR B 141 -28.09 -20.68 25.59
N ASN B 142 -27.78 -20.69 26.88
CA ASN B 142 -27.99 -19.52 27.73
C ASN B 142 -26.70 -18.70 27.70
N VAL B 143 -26.56 -17.90 26.64
CA VAL B 143 -25.37 -17.08 26.42
C VAL B 143 -25.80 -15.74 25.85
N ASP B 144 -24.98 -14.72 26.10
CA ASP B 144 -25.10 -13.40 25.48
C ASP B 144 -23.86 -13.14 24.64
N ILE B 145 -24.07 -12.57 23.45
CA ILE B 145 -22.97 -12.43 22.50
C ILE B 145 -22.91 -10.99 22.02
N VAL B 146 -21.68 -10.47 21.93
CA VAL B 146 -21.41 -9.17 21.36
C VAL B 146 -20.44 -9.37 20.21
N HIS B 147 -20.86 -9.00 19.00
CA HIS B 147 -20.07 -9.16 17.79
C HIS B 147 -19.43 -7.82 17.45
N ASP B 148 -18.10 -7.80 17.34
CA ASP B 148 -17.37 -6.59 16.98
C ASP B 148 -16.58 -6.90 15.71
N ASP B 149 -17.08 -6.45 14.57
CA ASP B 149 -16.52 -6.84 13.27
C ASP B 149 -15.12 -6.24 13.09
N ARG B 150 -14.31 -6.88 12.23
CA ARG B 150 -13.09 -6.23 11.79
C ARG B 150 -13.43 -4.90 11.11
N SER B 151 -12.44 -4.02 11.00
CA SER B 151 -12.74 -2.69 10.50
C SER B 151 -12.97 -2.72 8.99
N PRO B 152 -13.67 -1.73 8.44
CA PRO B 152 -13.90 -1.70 6.99
C PRO B 152 -12.59 -1.69 6.22
N SER B 153 -12.61 -2.37 5.07
CA SER B 153 -11.40 -2.52 4.27
C SER B 153 -10.98 -1.21 3.63
N ARG B 154 -11.95 -0.37 3.26
CA ARG B 154 -11.69 0.93 2.65
C ARG B 154 -12.61 1.92 3.36
N PRO B 155 -12.16 2.50 4.47
CA PRO B 155 -13.06 3.36 5.26
C PRO B 155 -13.33 4.72 4.64
N MET B 156 -12.47 5.20 3.72
CA MET B 156 -12.70 6.40 2.90
C MET B 156 -12.55 7.70 3.67
N GLY B 157 -11.83 7.70 4.81
CA GLY B 157 -11.75 8.87 5.66
C GLY B 157 -12.75 8.90 6.80
N LYS B 158 -13.72 7.97 6.80
CA LYS B 158 -14.71 7.90 7.87
C LYS B 158 -14.05 7.40 9.17
N PRO B 159 -14.67 7.67 10.32
CA PRO B 159 -14.08 7.22 11.59
C PRO B 159 -14.27 5.73 11.81
N VAL B 160 -13.35 5.16 12.59
CA VAL B 160 -13.31 3.74 12.88
C VAL B 160 -13.24 3.56 14.39
N GLN B 161 -13.93 2.54 14.90
CA GLN B 161 -13.91 2.23 16.34
C GLN B 161 -13.93 0.72 16.53
N ARG B 162 -13.24 0.26 17.57
CA ARG B 162 -13.33 -1.12 18.04
C ARG B 162 -13.61 -1.10 19.53
N ILE B 163 -13.96 -2.26 20.08
CA ILE B 163 -14.12 -2.38 21.52
C ILE B 163 -12.76 -2.39 22.22
N SER B 164 -11.80 -3.13 21.68
CA SER B 164 -10.48 -3.21 22.27
C SER B 164 -9.42 -2.84 21.25
N TRP B 165 -8.29 -2.33 21.75
CA TRP B 165 -7.06 -2.33 20.98
C TRP B 165 -6.30 -3.60 21.29
N ARG B 166 -5.44 -4.00 20.36
CA ARG B 166 -4.76 -5.28 20.48
C ARG B 166 -3.40 -5.16 19.82
N PHE B 167 -2.33 -5.33 20.60
CA PHE B 167 -0.97 -5.23 20.11
C PHE B 167 -0.21 -6.50 20.47
N GLN B 168 0.90 -6.71 19.75
CA GLN B 168 1.91 -7.65 20.15
C GLN B 168 3.26 -6.96 20.18
N ILE B 169 4.09 -7.32 21.16
CA ILE B 169 5.50 -6.94 21.24
C ILE B 169 6.32 -8.21 21.01
N GLN B 170 7.12 -8.23 19.93
CA GLN B 170 7.80 -9.45 19.52
C GLN B 170 9.20 -9.10 19.04
N GLY B 171 10.05 -10.13 18.94
CA GLY B 171 11.43 -9.95 18.54
C GLY B 171 12.39 -10.36 19.65
N PRO B 172 13.67 -10.53 19.32
CA PRO B 172 14.62 -10.96 20.36
C PRO B 172 14.75 -9.98 21.52
N LYS B 173 14.55 -8.69 21.30
CA LYS B 173 14.63 -7.74 22.39
C LYS B 173 13.27 -7.43 23.00
N ALA B 174 12.24 -8.23 22.68
CA ALA B 174 10.89 -7.93 23.15
C ALA B 174 10.78 -7.99 24.67
N TRP B 175 11.41 -9.00 25.29
CA TRP B 175 11.29 -9.10 26.74
C TRP B 175 11.99 -7.94 27.46
N ASP B 176 13.07 -7.41 26.89
CA ASP B 176 13.68 -6.22 27.46
C ASP B 176 12.72 -5.04 27.42
N VAL B 177 12.03 -4.84 26.30
CA VAL B 177 11.04 -3.76 26.21
C VAL B 177 9.92 -3.97 27.23
N ILE B 178 9.44 -5.21 27.33
CA ILE B 178 8.32 -5.53 28.20
C ILE B 178 8.69 -5.29 29.67
N GLU B 179 9.90 -5.71 30.07
CA GLU B 179 10.31 -5.50 31.45
C GLU B 179 10.53 -4.02 31.74
N LYS B 180 11.09 -3.28 30.79
CA LYS B 180 11.23 -1.83 30.95
C LYS B 180 9.87 -1.16 31.13
N LEU B 181 8.89 -1.54 30.32
CA LEU B 181 7.53 -1.04 30.50
C LEU B 181 6.95 -1.48 31.84
N HIS B 182 7.22 -2.73 32.24
CA HIS B 182 6.59 -3.26 33.43
C HIS B 182 7.17 -2.65 34.71
N GLY B 183 8.42 -2.21 34.67
CA GLY B 183 9.02 -1.63 35.85
C GLY B 183 9.56 -2.66 36.81
N GLY B 184 9.80 -3.87 36.33
CA GLY B 184 10.30 -4.94 37.16
C GLY B 184 10.43 -6.18 36.31
N THR B 185 10.99 -7.22 36.90
CA THR B 185 11.03 -8.50 36.22
C THR B 185 9.60 -9.00 36.03
N LEU B 186 9.40 -9.72 34.93
CA LEU B 186 8.11 -10.32 34.61
C LEU B 186 8.39 -11.75 34.21
N GLU B 187 7.78 -12.70 34.90
CA GLU B 187 8.08 -14.09 34.59
C GLU B 187 7.53 -14.45 33.22
N LYS B 188 8.34 -15.18 32.44
CA LYS B 188 7.90 -15.69 31.15
C LYS B 188 6.94 -16.84 31.39
N LEU B 189 5.64 -16.57 31.38
CA LEU B 189 4.70 -17.64 31.63
C LEU B 189 4.64 -18.60 30.45
N LYS B 190 3.96 -19.73 30.67
CA LYS B 190 3.89 -20.77 29.66
C LYS B 190 3.06 -20.29 28.47
N PHE B 191 3.39 -20.83 27.30
CA PHE B 191 2.70 -20.50 26.06
C PHE B 191 1.19 -20.57 26.24
N PHE B 192 0.51 -19.49 25.81
CA PHE B 192 -0.94 -19.32 25.82
C PHE B 192 -1.53 -19.18 27.22
N ASN B 193 -0.69 -18.98 28.24
CA ASN B 193 -1.19 -18.53 29.52
C ASN B 193 -1.31 -17.00 29.55
N MET B 194 -2.32 -16.52 30.27
CA MET B 194 -2.64 -15.11 30.35
C MET B 194 -2.30 -14.56 31.73
N ALA B 195 -1.66 -13.40 31.77
CA ALA B 195 -1.39 -12.72 33.03
C ALA B 195 -1.64 -11.23 32.92
N GLU B 196 -0.76 -10.41 33.49
CA GLU B 196 -0.92 -8.97 33.40
C GLU B 196 0.43 -8.30 33.52
N MET B 197 0.49 -7.06 33.07
CA MET B 197 1.69 -6.25 33.17
C MET B 197 1.30 -4.79 33.37
N ASN B 198 2.25 -4.00 33.85
CA ASN B 198 2.05 -2.57 33.96
C ASN B 198 2.49 -1.88 32.68
N ILE B 199 1.68 -0.94 32.21
CA ILE B 199 2.08 -0.01 31.15
C ILE B 199 1.65 1.38 31.61
N ALA B 200 2.63 2.22 31.96
CA ALA B 200 2.36 3.62 32.31
C ALA B 200 1.29 3.73 33.39
N GLY B 201 1.34 2.84 34.38
CA GLY B 201 0.38 2.83 35.46
C GLY B 201 -0.92 2.10 35.18
N MET B 202 -1.09 1.53 33.97
CA MET B 202 -2.28 0.76 33.62
C MET B 202 -2.04 -0.72 33.86
N LYS B 203 -3.07 -1.41 34.35
CA LYS B 203 -3.05 -2.87 34.39
C LYS B 203 -3.44 -3.38 33.01
N ILE B 204 -2.50 -4.01 32.31
CA ILE B 204 -2.71 -4.48 30.96
C ILE B 204 -2.65 -6.01 30.97
N ARG B 205 -3.73 -6.65 30.52
CA ARG B 205 -3.74 -8.11 30.41
C ARG B 205 -2.86 -8.58 29.26
N THR B 206 -2.24 -9.73 29.44
CA THR B 206 -1.22 -10.24 28.55
C THR B 206 -1.53 -11.67 28.14
N LEU B 207 -0.93 -12.08 27.04
CA LEU B 207 -1.02 -13.45 26.56
C LEU B 207 0.35 -13.86 26.06
N ARG B 208 0.86 -14.98 26.56
CA ARG B 208 2.15 -15.46 26.13
C ARG B 208 2.02 -16.05 24.72
N HIS B 209 2.51 -15.29 23.74
CA HIS B 209 2.57 -15.63 22.33
C HIS B 209 4.00 -15.48 21.84
N GLY B 210 4.94 -15.98 22.65
CA GLY B 210 6.36 -15.85 22.37
C GLY B 210 6.82 -16.30 21.00
N ALA B 214 12.11 -16.79 21.15
CA ALA B 214 12.12 -15.41 21.64
C ALA B 214 10.74 -15.01 22.16
N PRO B 215 10.57 -15.05 23.48
CA PRO B 215 9.27 -14.73 24.07
C PRO B 215 8.84 -13.31 23.73
N GLY B 216 7.53 -13.15 23.59
CA GLY B 216 6.89 -11.85 23.48
C GLY B 216 5.49 -11.99 24.04
N LEU B 217 4.71 -10.92 23.92
CA LEU B 217 3.38 -10.89 24.48
C LEU B 217 2.39 -10.31 23.49
N GLU B 218 1.16 -10.76 23.62
CA GLU B 218 0.01 -10.04 23.11
C GLU B 218 -0.65 -9.34 24.28
N ILE B 219 -1.04 -8.11 24.06
CA ILE B 219 -1.67 -7.26 25.08
C ILE B 219 -2.88 -6.60 24.45
N TRP B 220 -3.86 -6.28 25.28
CA TRP B 220 -5.08 -5.65 24.79
C TRP B 220 -5.63 -4.79 25.93
N GLY B 221 -6.51 -3.86 25.55
CA GLY B 221 -7.25 -3.09 26.53
C GLY B 221 -8.37 -2.28 25.89
N PRO B 222 -9.10 -1.53 26.71
CA PRO B 222 -10.18 -0.69 26.17
C PRO B 222 -9.68 0.25 25.09
N TYR B 223 -10.50 0.41 24.04
CA TYR B 223 -10.08 1.17 22.85
C TYR B 223 -9.55 2.54 23.21
N GLU B 224 -10.17 3.21 24.19
CA GLU B 224 -9.85 4.61 24.48
C GLU B 224 -8.41 4.80 24.96
N THR B 225 -7.77 3.78 25.51
CA THR B 225 -6.40 3.93 25.96
C THR B 225 -5.38 3.51 24.91
N GLN B 226 -5.79 3.40 23.64
CA GLN B 226 -4.89 2.87 22.61
C GLN B 226 -3.66 3.76 22.43
N GLU B 227 -3.90 5.07 22.23
CA GLU B 227 -2.79 5.99 21.99
C GLU B 227 -1.86 6.04 23.20
N LYS B 228 -2.42 6.06 24.40
CA LYS B 228 -1.60 6.09 25.61
C LYS B 228 -0.72 4.85 25.70
N ALA B 229 -1.30 3.67 25.48
CA ALA B 229 -0.52 2.45 25.47
C ALA B 229 0.52 2.48 24.36
N ARG B 230 0.13 2.88 23.15
CA ARG B 230 1.04 2.84 22.01
C ARG B 230 2.23 3.78 22.23
N ASN B 231 1.96 5.01 22.67
CA ASN B 231 3.05 5.96 22.92
C ASN B 231 4.02 5.44 23.97
N ALA B 232 3.51 4.85 25.05
CA ALA B 232 4.40 4.28 26.06
C ALA B 232 5.30 3.20 25.49
N ILE B 233 4.73 2.30 24.67
CA ILE B 233 5.52 1.21 24.12
C ILE B 233 6.61 1.73 23.17
N LEU B 234 6.23 2.64 22.27
CA LEU B 234 7.22 3.16 21.32
C LEU B 234 8.34 3.91 22.04
N GLU B 235 7.98 4.72 23.04
CA GLU B 235 9.01 5.49 23.75
C GLU B 235 9.98 4.57 24.48
N ALA B 236 9.45 3.63 25.28
CA ALA B 236 10.31 2.67 25.97
C ALA B 236 11.10 1.82 25.00
N GLY B 237 10.52 1.47 23.86
CA GLY B 237 11.18 0.56 22.94
C GLY B 237 12.33 1.16 22.18
N LYS B 238 12.42 2.49 22.16
CA LYS B 238 13.41 3.16 21.31
C LYS B 238 14.83 2.71 21.63
N GLU B 239 15.16 2.65 22.92
CA GLU B 239 16.48 2.18 23.36
C GLU B 239 16.85 0.83 22.78
N PHE B 240 15.87 -0.04 22.53
CA PHE B 240 16.15 -1.37 22.01
C PHE B 240 15.90 -1.48 20.50
N GLY B 241 15.63 -0.37 19.83
CA GLY B 241 15.38 -0.42 18.40
C GLY B 241 14.01 -0.91 18.02
N LEU B 242 13.05 -0.90 18.94
CA LEU B 242 11.68 -1.29 18.59
C LEU B 242 11.10 -0.33 17.56
N ILE B 243 10.45 -0.87 16.53
CA ILE B 243 9.77 -0.05 15.54
C ILE B 243 8.37 -0.61 15.28
N PRO B 244 7.42 0.25 14.93
CA PRO B 244 6.09 -0.23 14.54
C PRO B 244 6.09 -0.83 13.14
N VAL B 245 5.25 -1.86 12.97
CA VAL B 245 5.10 -2.60 11.72
C VAL B 245 3.79 -2.18 11.08
N GLY B 246 3.83 -1.89 9.76
CA GLY B 246 2.63 -1.51 9.04
C GLY B 246 1.84 -2.71 8.50
N SER B 247 0.67 -2.41 7.93
CA SER B 247 -0.19 -3.49 7.44
C SER B 247 0.38 -4.19 6.21
N ARG B 248 1.34 -3.59 5.51
CA ARG B 248 1.90 -4.28 4.35
C ARG B 248 2.80 -5.45 4.77
N ALA B 249 3.71 -5.22 5.72
CA ALA B 249 4.57 -6.29 6.22
C ALA B 249 3.83 -7.23 7.17
N TYR B 250 2.88 -6.70 7.96
CA TYR B 250 2.26 -7.45 9.06
C TYR B 250 1.88 -8.90 8.69
N PRO B 251 1.03 -9.13 7.68
CA PRO B 251 0.52 -10.49 7.47
C PRO B 251 1.57 -11.47 6.96
N SER B 252 2.69 -10.97 6.42
CA SER B 252 3.74 -11.87 5.96
C SER B 252 4.42 -12.58 7.12
N ASN B 253 4.23 -12.12 8.36
CA ASN B 253 4.86 -12.77 9.50
C ASN B 253 4.50 -14.26 9.58
N THR B 254 3.28 -14.62 9.18
CA THR B 254 2.84 -16.00 9.37
C THR B 254 3.49 -16.97 8.40
N LEU B 255 4.05 -16.48 7.28
CA LEU B 255 4.86 -17.35 6.43
C LEU B 255 6.05 -17.94 7.18
N GLU B 256 6.65 -17.14 8.08
CA GLU B 256 7.79 -17.63 8.86
C GLU B 256 7.32 -18.48 10.04
N SER B 257 6.18 -18.12 10.65
CA SER B 257 5.74 -18.82 11.86
C SER B 257 4.88 -20.06 11.56
N GLY B 258 4.19 -20.09 10.44
CA GLY B 258 3.58 -21.32 9.96
C GLY B 258 2.09 -21.49 10.17
N TRP B 259 1.38 -20.46 10.61
CA TRP B 259 -0.08 -20.54 10.74
C TRP B 259 -0.75 -20.21 9.41
N ILE B 260 -1.63 -21.10 8.95
CA ILE B 260 -2.39 -20.89 7.72
C ILE B 260 -3.68 -20.14 8.06
N PRO B 261 -3.81 -18.87 7.67
CA PRO B 261 -4.99 -18.09 8.07
C PRO B 261 -6.25 -18.44 7.30
N SER B 262 -6.14 -19.07 6.14
CA SER B 262 -7.21 -19.00 5.17
C SER B 262 -7.78 -20.34 4.69
N PRO B 263 -8.12 -21.29 5.57
CA PRO B 263 -8.84 -22.48 5.08
C PRO B 263 -10.22 -22.07 4.62
N LEU B 264 -10.68 -22.70 3.54
CA LEU B 264 -12.03 -22.42 3.05
C LEU B 264 -13.05 -22.94 4.07
N PRO B 265 -13.98 -22.11 4.52
CA PRO B 265 -15.03 -22.60 5.42
C PRO B 265 -15.84 -23.70 4.76
N ALA B 266 -15.71 -24.93 5.29
CA ALA B 266 -16.19 -26.12 4.59
C ALA B 266 -17.70 -26.34 4.79
N ILE B 267 -18.49 -25.33 4.38
CA ILE B 267 -19.90 -25.33 4.74
C ILE B 267 -20.82 -25.25 3.52
N TYR B 268 -20.29 -25.44 2.32
CA TYR B 268 -21.08 -25.22 1.11
C TYR B 268 -21.90 -26.43 0.69
N THR B 269 -21.63 -27.60 1.24
CA THR B 269 -22.31 -28.85 0.91
C THR B 269 -22.69 -29.58 2.19
N GLY B 270 -23.59 -30.55 2.06
CA GLY B 270 -23.98 -31.38 3.18
C GLY B 270 -25.35 -31.08 3.75
N ASP B 271 -26.21 -32.11 3.85
CA ASP B 271 -27.54 -31.88 4.39
C ASP B 271 -27.51 -31.35 5.83
N LYS B 272 -26.53 -31.80 6.62
CA LYS B 272 -26.48 -31.36 8.02
C LYS B 272 -26.01 -29.93 8.16
N LEU B 273 -25.53 -29.30 7.08
CA LEU B 273 -25.11 -27.90 7.07
C LEU B 273 -26.11 -26.99 6.38
N LYS B 274 -27.27 -27.51 5.97
CA LYS B 274 -28.22 -26.70 5.20
C LYS B 274 -28.83 -25.59 6.05
N ALA B 275 -29.24 -25.92 7.29
CA ALA B 275 -29.81 -24.89 8.16
C ALA B 275 -28.83 -23.75 8.42
N TYR B 276 -27.53 -24.08 8.51
CA TYR B 276 -26.51 -23.05 8.66
C TYR B 276 -26.39 -22.20 7.40
N ARG B 277 -26.40 -22.84 6.23
CA ARG B 277 -26.40 -22.06 4.99
C ARG B 277 -27.62 -21.16 4.88
N GLU B 278 -28.75 -21.58 5.46
CA GLU B 278 -29.94 -20.75 5.42
C GLU B 278 -29.92 -19.63 6.46
N TRP B 279 -29.05 -19.73 7.47
CA TRP B 279 -28.88 -18.68 8.48
C TRP B 279 -27.86 -17.62 8.05
N LEU B 280 -26.76 -18.04 7.40
CA LEU B 280 -25.74 -17.12 6.94
C LEU B 280 -26.32 -16.09 5.97
N PRO B 281 -26.07 -14.79 6.17
CA PRO B 281 -26.58 -13.80 5.22
C PRO B 281 -25.95 -13.91 3.83
N ALA B 282 -26.67 -13.38 2.86
CA ALA B 282 -26.21 -13.36 1.48
C ALA B 282 -24.96 -12.51 1.29
N ASN B 283 -24.63 -11.62 2.22
CA ASN B 283 -23.43 -10.81 2.10
C ASN B 283 -22.32 -11.24 3.06
N SER B 284 -22.44 -12.43 3.64
CA SER B 284 -21.43 -12.93 4.56
C SER B 284 -20.09 -13.16 3.84
N TYR B 285 -19.04 -13.28 4.64
CA TYR B 285 -17.73 -13.73 4.16
C TYR B 285 -17.86 -14.97 3.28
N GLU B 286 -18.74 -15.91 3.68
CA GLU B 286 -18.83 -17.19 2.98
C GLU B 286 -19.52 -17.05 1.62
N ALA B 287 -20.49 -16.14 1.50
CA ALA B 287 -21.20 -15.96 0.24
C ALA B 287 -20.42 -15.04 -0.72
N SER B 288 -19.76 -14.01 -0.19
CA SER B 288 -19.24 -12.92 -1.00
C SER B 288 -17.77 -13.07 -1.35
N GLY B 289 -17.04 -13.96 -0.67
CA GLY B 289 -15.59 -14.01 -0.82
C GLY B 289 -15.13 -14.66 -2.10
N ALA B 290 -13.81 -14.78 -2.23
CA ALA B 290 -13.18 -15.30 -3.43
C ALA B 290 -12.23 -16.45 -3.12
N ILE B 291 -12.06 -17.35 -4.10
CA ILE B 291 -10.99 -18.34 -4.12
C ILE B 291 -10.05 -17.96 -5.27
N GLY B 292 -8.73 -18.00 -5.00
CA GLY B 292 -7.75 -17.71 -6.03
C GLY B 292 -6.72 -18.82 -6.13
N GLY B 293 -6.09 -18.89 -7.29
CA GLY B 293 -4.96 -19.77 -7.50
C GLY B 293 -5.25 -20.86 -8.52
N SER B 294 -4.21 -21.67 -8.75
CA SER B 294 -4.18 -22.62 -9.86
C SER B 294 -4.94 -23.92 -9.58
N PHE B 295 -5.38 -24.19 -8.36
CA PHE B 295 -6.04 -25.45 -8.10
C PHE B 295 -7.49 -25.41 -8.56
N VAL B 296 -7.85 -26.30 -9.48
CA VAL B 296 -9.15 -26.29 -10.13
C VAL B 296 -9.84 -27.63 -9.92
N SER B 297 -11.03 -27.60 -9.36
CA SER B 297 -11.91 -28.75 -9.33
C SER B 297 -13.32 -28.21 -9.46
N SER B 298 -14.22 -29.02 -9.99
CA SER B 298 -15.62 -28.61 -10.07
C SER B 298 -16.37 -28.90 -8.78
N ASN B 299 -15.77 -29.61 -7.84
CA ASN B 299 -16.41 -29.93 -6.57
C ASN B 299 -15.78 -29.07 -5.48
N ILE B 300 -16.61 -28.28 -4.80
CA ILE B 300 -16.14 -27.37 -3.76
C ILE B 300 -15.55 -28.16 -2.58
N GLU B 301 -15.99 -29.42 -2.39
CA GLU B 301 -15.41 -30.27 -1.33
C GLU B 301 -13.92 -30.46 -1.50
N ASP B 302 -13.40 -30.43 -2.74
CA ASP B 302 -11.98 -30.64 -2.91
C ASP B 302 -11.12 -29.53 -2.34
N TYR B 303 -11.73 -28.40 -1.99
CA TYR B 303 -11.05 -27.28 -1.36
C TYR B 303 -11.08 -27.35 0.17
N TYR B 304 -11.79 -28.32 0.74
CA TYR B 304 -11.90 -28.46 2.18
C TYR B 304 -10.64 -29.08 2.77
N VAL B 305 -10.34 -28.71 4.01
CA VAL B 305 -9.27 -29.39 4.76
C VAL B 305 -9.86 -29.88 6.08
N ASN B 306 -9.27 -30.94 6.61
CA ASN B 306 -9.59 -31.41 7.94
C ASN B 306 -8.50 -30.97 8.91
N PRO B 307 -8.72 -31.05 10.22
CA PRO B 307 -7.72 -30.49 11.16
C PRO B 307 -6.33 -31.05 11.01
N TYR B 308 -6.22 -32.37 10.76
CA TYR B 308 -4.91 -32.99 10.65
C TYR B 308 -4.10 -32.41 9.50
N GLU B 309 -4.77 -31.97 8.44
CA GLU B 309 -4.04 -31.54 7.25
C GLU B 309 -3.36 -30.17 7.41
N ILE B 310 -3.78 -29.35 8.36
CA ILE B 310 -3.20 -28.02 8.49
C ILE B 310 -2.56 -27.80 9.86
N GLY B 311 -2.17 -28.89 10.53
CA GLY B 311 -1.38 -28.82 11.75
C GLY B 311 -2.14 -28.87 13.05
N TYR B 312 -3.46 -29.10 13.03
CA TYR B 312 -4.25 -29.10 14.25
C TYR B 312 -4.56 -30.51 14.76
N GLY B 313 -3.97 -31.53 14.15
CA GLY B 313 -4.12 -32.89 14.62
C GLY B 313 -3.92 -33.04 16.12
N PRO B 314 -2.78 -32.54 16.63
CA PRO B 314 -2.50 -32.64 18.07
C PRO B 314 -3.54 -31.97 18.96
N PHE B 315 -4.45 -31.16 18.41
CA PHE B 315 -5.46 -30.52 19.25
C PHE B 315 -6.69 -31.38 19.44
N VAL B 316 -6.87 -32.39 18.58
CA VAL B 316 -8.07 -33.21 18.61
C VAL B 316 -8.02 -34.10 19.84
N LYS B 317 -9.04 -33.98 20.70
CA LYS B 317 -9.10 -34.73 21.95
C LYS B 317 -10.49 -35.33 22.07
N PHE B 318 -10.56 -36.67 22.04
CA PHE B 318 -11.85 -37.37 22.13
C PHE B 318 -12.21 -37.60 23.60
N ASP B 319 -12.31 -36.49 24.33
CA ASP B 319 -12.62 -36.53 25.76
C ASP B 319 -13.88 -35.73 26.08
N HIS B 320 -14.63 -35.33 25.06
CA HIS B 320 -15.85 -34.54 25.21
C HIS B 320 -16.65 -34.75 23.93
N ASP B 321 -17.94 -34.46 24.01
CA ASP B 321 -18.80 -34.51 22.82
C ASP B 321 -18.61 -33.24 22.02
N PHE B 322 -18.36 -33.37 20.71
CA PHE B 322 -18.29 -32.20 19.86
C PHE B 322 -18.73 -32.52 18.45
N ILE B 323 -19.15 -31.45 17.74
CA ILE B 323 -19.63 -31.60 16.37
C ILE B 323 -18.50 -32.12 15.50
N GLY B 324 -18.78 -33.20 14.76
CA GLY B 324 -17.78 -33.80 13.90
C GLY B 324 -16.88 -34.83 14.57
N ARG B 325 -17.11 -35.17 15.84
CA ARG B 325 -16.20 -36.10 16.51
C ARG B 325 -16.18 -37.47 15.85
N ASP B 326 -17.35 -37.99 15.46
CA ASP B 326 -17.37 -39.29 14.79
C ASP B 326 -16.58 -39.26 13.48
N ALA B 327 -16.68 -38.17 12.71
CA ALA B 327 -15.92 -38.06 11.48
C ALA B 327 -14.41 -38.12 11.75
N LEU B 328 -13.96 -37.39 12.77
CA LEU B 328 -12.53 -37.35 13.06
C LEU B 328 -12.03 -38.68 13.60
N GLU B 329 -12.86 -39.36 14.41
CA GLU B 329 -12.46 -40.69 14.90
C GLU B 329 -12.22 -41.66 13.77
N ALA B 330 -12.94 -41.53 12.65
CA ALA B 330 -12.77 -42.44 11.53
C ALA B 330 -11.59 -42.10 10.65
N ILE B 331 -10.98 -40.92 10.85
CA ILE B 331 -9.80 -40.54 10.07
C ILE B 331 -8.59 -41.28 10.62
N ASP B 332 -7.69 -41.68 9.74
CA ASP B 332 -6.40 -42.25 10.13
C ASP B 332 -5.35 -41.15 10.10
N PRO B 333 -4.94 -40.60 11.25
CA PRO B 333 -4.02 -39.45 11.24
C PRO B 333 -2.74 -39.69 10.47
N ALA B 334 -2.23 -40.93 10.48
CA ALA B 334 -0.94 -41.24 9.88
C ALA B 334 -0.95 -41.13 8.36
N THR B 335 -2.11 -41.16 7.72
CA THR B 335 -2.15 -41.04 6.26
C THR B 335 -2.62 -39.66 5.79
N GLN B 336 -2.92 -38.75 6.69
CA GLN B 336 -3.42 -37.45 6.25
C GLN B 336 -2.31 -36.60 5.64
N ARG B 337 -2.70 -35.67 4.78
CA ARG B 337 -1.75 -34.67 4.33
C ARG B 337 -1.20 -33.89 5.53
N LYS B 338 -0.04 -33.27 5.32
CA LYS B 338 0.71 -32.61 6.38
C LYS B 338 1.05 -31.18 5.98
N LYS B 339 1.01 -30.27 6.96
CA LYS B 339 1.38 -28.88 6.72
C LYS B 339 2.89 -28.74 6.61
N VAL B 340 3.34 -28.02 5.58
CA VAL B 340 4.76 -27.79 5.35
C VAL B 340 4.95 -26.35 4.91
N THR B 341 6.20 -25.91 4.90
CA THR B 341 6.58 -24.69 4.21
C THR B 341 7.22 -25.07 2.88
N LEU B 342 6.79 -24.42 1.80
CA LEU B 342 7.45 -24.56 0.52
C LEU B 342 8.38 -23.38 0.30
N ALA B 343 9.64 -23.66 -0.02
CA ALA B 343 10.63 -22.62 -0.26
C ALA B 343 10.77 -22.48 -1.77
N TRP B 344 10.31 -21.34 -2.31
CA TRP B 344 10.23 -21.16 -3.74
C TRP B 344 11.60 -20.81 -4.32
N ASN B 345 11.87 -21.34 -5.51
CA ASN B 345 13.17 -21.22 -6.14
C ASN B 345 13.43 -19.78 -6.57
N GLY B 346 14.57 -19.22 -6.16
CA GLY B 346 14.86 -17.82 -6.43
C GLY B 346 15.05 -17.50 -7.90
N ASP B 347 15.53 -18.46 -8.68
CA ASP B 347 15.65 -18.24 -10.13
C ASP B 347 14.29 -18.20 -10.78
N ASP B 348 13.37 -19.07 -10.36
CA ASP B 348 12.01 -19.01 -10.88
C ASP B 348 11.32 -17.71 -10.44
N MET B 349 11.62 -17.19 -9.24
CA MET B 349 11.03 -15.92 -8.82
C MET B 349 11.53 -14.77 -9.70
N ALA B 350 12.83 -14.75 -9.99
CA ALA B 350 13.39 -13.76 -10.89
C ALA B 350 12.73 -13.80 -12.27
N LYS B 351 12.44 -15.01 -12.76
CA LYS B 351 11.78 -15.13 -14.05
C LYS B 351 10.37 -14.55 -14.01
N ILE B 352 9.64 -14.76 -12.90
CA ILE B 352 8.31 -14.20 -12.78
C ILE B 352 8.35 -12.68 -12.87
N TYR B 353 9.28 -12.07 -12.12
CA TYR B 353 9.32 -10.61 -12.13
C TYR B 353 9.89 -10.07 -13.43
N ALA B 354 10.86 -10.79 -14.04
CA ALA B 354 11.43 -10.34 -15.30
C ALA B 354 10.36 -10.16 -16.37
N SER B 355 9.33 -11.01 -16.35
CA SER B 355 8.31 -10.95 -17.39
C SER B 355 7.52 -9.65 -17.37
N LEU B 356 7.56 -8.90 -16.27
CA LEU B 356 6.89 -7.61 -16.20
C LEU B 356 7.56 -6.58 -17.09
N PHE B 357 8.86 -6.74 -17.34
CA PHE B 357 9.67 -5.78 -18.08
C PHE B 357 9.97 -6.27 -19.48
N ASP B 358 9.20 -7.24 -19.99
CA ASP B 358 9.40 -7.81 -21.32
C ASP B 358 8.41 -7.15 -22.26
N THR B 359 8.90 -6.22 -23.08
CA THR B 359 8.01 -5.45 -23.95
C THR B 359 7.53 -6.23 -25.17
N GLU B 360 8.10 -7.41 -25.45
CA GLU B 360 7.73 -8.16 -26.64
C GLU B 360 6.81 -9.33 -26.35
N ALA B 361 6.73 -9.79 -25.11
CA ALA B 361 6.02 -11.03 -24.81
C ALA B 361 4.51 -10.85 -24.89
N ASP B 362 3.83 -11.88 -25.39
CA ASP B 362 2.37 -11.86 -25.46
C ASP B 362 1.74 -11.81 -24.07
N ALA B 363 2.39 -12.39 -23.07
CA ALA B 363 1.86 -12.45 -21.72
C ALA B 363 3.02 -12.48 -20.75
N HIS B 364 2.72 -12.14 -19.49
CA HIS B 364 3.68 -12.20 -18.40
C HIS B 364 3.14 -13.14 -17.33
N TYR B 365 3.98 -13.48 -16.36
CA TYR B 365 3.55 -14.35 -15.27
C TYR B 365 2.79 -13.55 -14.21
N LYS B 366 1.94 -14.25 -13.46
CA LYS B 366 1.06 -13.58 -12.49
C LYS B 366 1.87 -12.70 -11.56
N PHE B 367 1.44 -11.45 -11.41
CA PHE B 367 2.14 -10.52 -10.53
C PHE B 367 2.20 -11.09 -9.12
N PHE B 368 3.39 -11.08 -8.54
CA PHE B 368 3.66 -11.66 -7.22
C PHE B 368 3.99 -10.48 -6.30
N ASP B 369 2.97 -9.95 -5.63
CA ASP B 369 3.17 -8.75 -4.82
C ASP B 369 4.04 -9.09 -3.60
N LEU B 370 4.70 -8.07 -3.05
CA LEU B 370 5.64 -8.24 -1.95
C LEU B 370 5.28 -7.33 -0.78
N PRO B 371 5.34 -7.82 0.46
CA PRO B 371 5.80 -9.18 0.79
C PRO B 371 4.70 -10.22 0.82
N LEU B 372 3.46 -9.85 0.51
CA LEU B 372 2.35 -10.81 0.54
C LEU B 372 1.73 -10.89 -0.85
N ALA B 373 1.67 -12.09 -1.40
CA ALA B 373 1.27 -12.25 -2.80
C ALA B 373 -0.14 -12.77 -2.98
N ASN B 374 -0.88 -12.98 -1.90
CA ASN B 374 -2.24 -13.49 -2.03
C ASN B 374 -3.12 -12.51 -2.79
N TYR B 375 -4.07 -13.06 -3.55
CA TYR B 375 -4.99 -12.20 -4.30
C TYR B 375 -6.44 -12.68 -4.15
N ALA B 376 -6.74 -13.38 -3.07
CA ALA B 376 -8.09 -13.78 -2.70
C ALA B 376 -8.09 -14.02 -1.20
N ASN B 377 -9.29 -14.16 -0.62
CA ASN B 377 -9.26 -14.46 0.81
C ASN B 377 -9.08 -15.96 1.09
N THR B 378 -9.38 -16.84 0.13
CA THR B 378 -9.00 -18.25 0.21
C THR B 378 -8.05 -18.53 -0.95
N ASN B 379 -6.88 -19.09 -0.63
CA ASN B 379 -5.84 -19.33 -1.62
C ASN B 379 -5.68 -20.83 -1.86
N ALA B 380 -5.51 -21.21 -3.13
CA ALA B 380 -5.42 -22.64 -3.46
C ALA B 380 -4.62 -22.79 -4.74
N ASP B 381 -3.32 -22.96 -4.59
CA ASP B 381 -2.46 -23.30 -5.71
C ASP B 381 -2.13 -24.78 -5.68
N ALA B 382 -2.17 -25.42 -6.85
CA ALA B 382 -1.88 -26.85 -6.94
C ALA B 382 -0.39 -27.10 -6.74
N VAL B 383 -0.07 -28.11 -5.94
CA VAL B 383 1.29 -28.57 -5.72
C VAL B 383 1.45 -29.90 -6.46
N LEU B 384 2.51 -30.04 -7.24
CA LEU B 384 2.69 -31.16 -8.15
C LEU B 384 4.03 -31.83 -7.92
N ASP B 385 4.08 -33.15 -8.14
CA ASP B 385 5.38 -33.82 -8.12
C ASP B 385 5.95 -33.86 -9.54
N ALA B 386 7.12 -34.50 -9.67
CA ALA B 386 7.84 -34.49 -10.96
C ALA B 386 7.08 -35.26 -12.05
N ALA B 387 6.19 -36.17 -11.69
CA ALA B 387 5.34 -36.83 -12.68
C ALA B 387 4.13 -36.00 -13.08
N GLY B 388 3.88 -34.89 -12.39
CA GLY B 388 2.70 -34.09 -12.68
C GLY B 388 1.47 -34.45 -11.89
N ASN B 389 1.58 -35.32 -10.89
CA ASN B 389 0.45 -35.58 -10.01
C ASN B 389 0.26 -34.42 -9.04
N VAL B 390 -1.00 -34.11 -8.76
CA VAL B 390 -1.34 -33.14 -7.72
C VAL B 390 -1.12 -33.79 -6.36
N VAL B 391 -0.12 -33.32 -5.61
CA VAL B 391 0.22 -33.89 -4.31
C VAL B 391 -0.04 -32.94 -3.16
N GLY B 392 -0.63 -31.76 -3.41
CA GLY B 392 -0.97 -30.89 -2.29
C GLY B 392 -1.56 -29.57 -2.75
N MET B 393 -1.82 -28.71 -1.77
CA MET B 393 -2.46 -27.42 -1.99
C MET B 393 -1.68 -26.36 -1.22
N SER B 394 -1.20 -25.33 -1.92
CA SER B 394 -0.48 -24.23 -1.33
C SER B 394 -1.46 -23.11 -1.03
N MET B 395 -1.42 -22.58 0.20
CA MET B 395 -2.56 -21.83 0.76
C MET B 395 -2.25 -20.42 1.27
N PHE B 396 -1.00 -19.98 1.28
CA PHE B 396 -0.67 -18.64 1.74
C PHE B 396 0.73 -18.33 1.23
N THR B 397 0.91 -17.20 0.57
CA THR B 397 2.09 -17.03 -0.27
C THR B 397 2.67 -15.63 -0.13
N GLY B 398 4.00 -15.56 -0.01
CA GLY B 398 4.66 -14.27 -0.04
C GLY B 398 6.17 -14.37 0.06
N TYR B 399 6.78 -13.43 0.77
CA TYR B 399 8.23 -13.29 0.73
C TYR B 399 8.75 -12.81 2.08
N SER B 400 9.89 -13.36 2.47
CA SER B 400 10.58 -13.01 3.72
C SER B 400 11.90 -12.33 3.38
N TYR B 401 12.01 -11.05 3.75
CA TYR B 401 13.29 -10.35 3.63
C TYR B 401 14.35 -10.95 4.56
N ASN B 402 13.92 -11.58 5.65
CA ASN B 402 14.85 -12.27 6.53
C ASN B 402 15.50 -13.45 5.82
N GLU B 403 14.71 -14.24 5.11
CA GLU B 403 15.24 -15.41 4.41
C GLU B 403 15.72 -15.11 3.00
N LYS B 404 15.39 -13.93 2.45
CA LYS B 404 15.59 -13.63 1.04
C LYS B 404 15.01 -14.73 0.16
N ARG B 405 13.80 -15.18 0.52
CA ARG B 405 13.13 -16.26 -0.20
C ARG B 405 11.63 -15.98 -0.26
N ALA B 406 11.03 -16.28 -1.40
CA ALA B 406 9.59 -16.48 -1.45
C ALA B 406 9.23 -17.79 -0.75
N LEU B 407 8.13 -17.77 0.02
CA LEU B 407 7.69 -18.91 0.80
C LEU B 407 6.19 -19.09 0.64
N SER B 408 5.72 -20.33 0.75
CA SER B 408 4.30 -20.54 0.92
C SER B 408 4.05 -21.63 1.95
N LEU B 409 2.87 -21.57 2.55
CA LEU B 409 2.37 -22.59 3.47
C LEU B 409 1.45 -23.53 2.70
N ALA B 410 1.65 -24.83 2.87
CA ALA B 410 1.00 -25.80 2.01
C ALA B 410 0.71 -27.06 2.82
N THR B 411 -0.30 -27.81 2.37
CA THR B 411 -0.56 -29.15 2.88
C THR B 411 -0.29 -30.15 1.76
N ILE B 412 0.53 -31.19 2.03
CA ILE B 412 1.01 -32.10 1.00
C ILE B 412 0.93 -33.55 1.48
N ASP B 413 0.94 -34.47 0.52
CA ASP B 413 0.89 -35.91 0.81
C ASP B 413 1.93 -36.28 1.86
N HIS B 414 1.51 -37.11 2.83
CA HIS B 414 2.32 -37.34 4.02
C HIS B 414 3.67 -38.00 3.70
N GLU B 415 3.75 -38.79 2.63
CA GLU B 415 4.98 -39.55 2.41
C GLU B 415 6.07 -38.72 1.75
N ILE B 416 5.80 -37.47 1.37
CA ILE B 416 6.82 -36.65 0.71
C ILE B 416 7.82 -36.17 1.75
N PRO B 417 9.10 -36.49 1.61
CA PRO B 417 10.10 -36.12 2.63
C PRO B 417 10.51 -34.66 2.52
N VAL B 418 10.98 -34.14 3.67
CA VAL B 418 11.58 -32.82 3.68
C VAL B 418 12.78 -32.80 2.75
N GLY B 419 12.93 -31.71 2.00
CA GLY B 419 13.97 -31.60 1.00
C GLY B 419 13.55 -31.97 -0.40
N THR B 420 12.35 -32.51 -0.56
CA THR B 420 11.87 -32.85 -1.91
C THR B 420 11.57 -31.58 -2.69
N GLU B 421 11.97 -31.57 -3.97
CA GLU B 421 11.65 -30.47 -4.85
C GLU B 421 10.34 -30.79 -5.57
N LEU B 422 9.31 -30.01 -5.28
CA LEU B 422 8.03 -30.07 -5.97
C LEU B 422 7.90 -28.84 -6.85
N THR B 423 6.75 -28.70 -7.49
CA THR B 423 6.41 -27.46 -8.17
C THR B 423 5.08 -26.94 -7.65
N VAL B 424 4.99 -25.61 -7.52
CA VAL B 424 3.71 -24.93 -7.32
C VAL B 424 3.30 -24.30 -8.64
N LEU B 425 2.09 -24.58 -9.08
CA LEU B 425 1.53 -23.94 -10.26
C LEU B 425 1.08 -22.53 -9.86
N TRP B 426 1.80 -21.51 -10.30
CA TRP B 426 1.56 -20.12 -9.93
C TRP B 426 0.83 -19.42 -11.05
N GLY B 427 -0.31 -18.82 -10.74
CA GLY B 427 -1.17 -18.21 -11.73
C GLY B 427 -2.37 -19.08 -12.05
N GLU B 428 -3.35 -18.48 -12.71
CA GLU B 428 -4.60 -19.14 -13.03
C GLU B 428 -4.66 -19.46 -14.53
N GLU B 429 -5.65 -20.27 -14.90
CA GLU B 429 -5.72 -20.80 -16.26
C GLU B 429 -6.45 -19.84 -17.20
N ASN B 430 -6.18 -19.99 -18.50
CA ASN B 430 -6.96 -19.32 -19.55
C ASN B 430 -6.89 -17.79 -19.44
N GLY B 431 -5.71 -17.29 -19.09
CA GLY B 431 -5.52 -15.86 -18.93
C GLY B 431 -5.90 -15.30 -17.56
N GLY B 432 -6.55 -16.09 -16.71
CA GLY B 432 -6.93 -15.70 -15.37
C GLY B 432 -8.44 -15.64 -15.21
N THR B 433 -8.89 -15.78 -13.97
CA THR B 433 -10.31 -15.62 -13.68
C THR B 433 -10.71 -14.14 -13.72
N ARG B 434 -11.98 -13.89 -13.44
CA ARG B 434 -12.56 -12.55 -13.50
C ARG B 434 -12.43 -11.79 -12.19
N LYS B 435 -11.71 -12.32 -11.20
CA LYS B 435 -11.44 -11.58 -9.98
C LYS B 435 -10.80 -10.24 -10.31
N THR B 436 -11.20 -9.19 -9.57
CA THR B 436 -10.67 -7.87 -9.84
C THR B 436 -9.21 -7.72 -9.42
N THR B 437 -8.66 -8.70 -8.70
CA THR B 437 -7.27 -8.69 -8.31
C THR B 437 -6.36 -9.25 -9.39
N VAL B 438 -6.93 -9.81 -10.46
CA VAL B 438 -6.18 -10.64 -11.40
C VAL B 438 -6.03 -9.88 -12.71
N GLU B 439 -4.80 -9.50 -13.03
CA GLU B 439 -4.46 -9.00 -14.36
C GLU B 439 -4.27 -10.17 -15.32
N PRO B 440 -4.37 -9.94 -16.63
CA PRO B 440 -4.13 -11.03 -17.59
C PRO B 440 -2.71 -11.58 -17.44
N HIS B 441 -2.59 -12.92 -17.51
CA HIS B 441 -1.29 -13.52 -17.23
C HIS B 441 -1.30 -14.97 -17.69
N LYS B 442 -0.10 -15.55 -17.79
CA LYS B 442 0.08 -16.97 -18.06
C LYS B 442 0.66 -17.66 -16.83
N GLN B 443 0.43 -18.97 -16.75
CA GLN B 443 0.84 -19.75 -15.58
C GLN B 443 2.32 -20.08 -15.63
N MET B 444 2.88 -20.36 -14.47
CA MET B 444 4.24 -20.86 -14.38
C MET B 444 4.34 -21.91 -13.29
N ALA B 445 5.13 -22.95 -13.56
CA ALA B 445 5.48 -23.95 -12.56
C ALA B 445 6.69 -23.44 -11.80
N VAL B 446 6.55 -23.23 -10.50
CA VAL B 446 7.64 -22.76 -9.66
C VAL B 446 8.19 -23.95 -8.88
N ARG B 447 9.50 -24.14 -8.94
CA ARG B 447 10.13 -25.18 -8.14
C ARG B 447 10.16 -24.74 -6.67
N ALA B 448 9.85 -25.69 -5.78
CA ALA B 448 9.69 -25.41 -4.36
C ALA B 448 10.19 -26.59 -3.54
N VAL B 449 11.02 -26.31 -2.54
CA VAL B 449 11.61 -27.35 -1.69
C VAL B 449 10.77 -27.48 -0.43
N VAL B 450 10.27 -28.70 -0.17
CA VAL B 450 9.53 -28.99 1.05
C VAL B 450 10.42 -28.74 2.26
N SER B 451 9.92 -27.95 3.20
CA SER B 451 10.72 -27.46 4.31
C SER B 451 9.91 -27.58 5.59
N PRO B 452 10.56 -27.51 6.75
CA PRO B 452 9.84 -27.60 8.01
C PRO B 452 8.89 -26.42 8.22
N VAL B 453 8.02 -26.58 9.22
CA VAL B 453 7.12 -25.52 9.65
C VAL B 453 7.20 -25.50 11.17
N PRO B 454 7.60 -24.37 11.80
CA PRO B 454 8.00 -23.08 11.20
C PRO B 454 9.21 -23.23 10.28
N TYR B 455 9.32 -22.32 9.31
CA TYR B 455 10.32 -22.50 8.26
C TYR B 455 11.74 -22.51 8.82
N SER B 456 12.54 -23.46 8.33
CA SER B 456 13.98 -23.43 8.48
C SER B 456 14.60 -23.89 7.15
N VAL B 457 15.81 -23.41 6.88
CA VAL B 457 16.43 -23.65 5.58
C VAL B 457 16.73 -25.14 5.42
N THR B 458 16.49 -25.66 4.22
CA THR B 458 16.54 -27.09 3.94
C THR B 458 17.33 -27.36 2.66
N ALA B 459 18.23 -28.33 2.73
CA ALA B 459 18.94 -28.77 1.54
C ALA B 459 18.00 -29.52 0.59
N ARG B 460 18.21 -29.34 -0.71
CA ARG B 460 17.40 -30.02 -1.71
C ARG B 460 17.71 -31.51 -1.77
N GLU B 461 18.83 -31.90 -2.38
CA GLU B 461 19.15 -33.31 -2.60
C GLU B 461 18.05 -34.06 -3.33
N3 THG C . -4.87 19.15 -10.49
C2 THG C . -4.85 20.30 -9.74
N1 THG C . -3.65 20.81 -9.30
C8A THG C . -2.52 20.17 -9.60
C4A THG C . -2.57 18.98 -10.36
C4 THG C . -3.75 18.50 -10.79
N8 THG C . -1.20 20.68 -9.14
C7 THG C . -0.12 19.82 -9.16
C6 THG C . -0.04 19.03 -10.43
N5 THG C . -1.24 18.28 -10.69
C9 THG C . 0.22 20.02 -11.64
N10 THG C . 0.49 19.26 -12.86
C4' THG C . 0.39 19.88 -14.18
C3' THG C . 0.70 19.13 -15.29
C2' THG C . 0.62 19.68 -16.57
C1' THG C . 0.20 21.01 -16.71
C6' THG C . -0.12 21.77 -15.59
C5' THG C . -0.02 21.20 -14.32
C11 THG C . 0.10 21.63 -18.10
N THG C . 0.49 23.01 -18.31
CA THG C . 0.39 23.62 -19.63
C THG C . 1.55 23.20 -20.57
OX2 THG C . 1.57 23.62 -21.76
OX1 THG C . 2.49 22.46 -20.17
CB THG C . 0.38 25.14 -19.47
CG THG C . -0.79 25.56 -18.58
CD THG C . -0.85 27.09 -18.60
OE1 THG C . -0.36 27.76 -17.63
OE2 THG C . -1.37 27.68 -19.58
O11 THG C . -0.29 21.01 -19.03
O4 THG C . -3.82 17.51 -11.45
N2 THG C . -6.10 20.96 -9.45
C1 DHB D . 2.01 14.20 -7.36
C2 DHB D . 0.85 14.95 -7.52
C3 DHB D . -0.01 14.62 -8.54
O3 DHB D . -1.19 15.33 -8.72
C4 DHB D . 0.28 13.58 -9.40
O4 DHB D . -0.63 13.29 -10.42
C5 DHB D . 1.43 12.84 -9.27
C6 DHB D . 2.30 13.16 -8.23
C DHB D . 2.98 14.55 -6.25
O1 DHB D . 2.79 15.60 -5.58
O2 DHB D . 3.95 13.78 -6.03
C1 EDO E . 14.66 8.55 -4.47
O1 EDO E . 13.26 8.27 -4.52
C2 EDO E . 15.37 7.83 -5.62
O2 EDO E . 15.20 8.58 -6.84
C1 EDO F . 13.60 18.20 0.79
O1 EDO F . 12.84 17.26 0.02
C2 EDO F . 12.67 19.34 1.20
O2 EDO F . 11.53 18.76 1.81
C TRS G . 20.05 1.94 6.84
C1 TRS G . 20.57 2.28 8.23
C2 TRS G . 19.41 0.55 6.84
C3 TRS G . 21.21 1.99 5.85
N TRS G . 19.04 2.95 6.46
O1 TRS G . 20.96 3.63 8.20
O2 TRS G . 18.18 0.60 7.52
O3 TRS G . 20.75 1.48 4.61
N3 THG H . -4.02 -13.04 18.25
C2 THG H . -5.36 -13.19 18.53
N1 THG H . -6.18 -13.92 17.69
C8A THG H . -5.69 -14.47 16.61
C4A THG H . -4.32 -14.32 16.32
C4 THG H . -3.50 -13.60 17.15
N8 THG H . -6.58 -15.27 15.71
C7 THG H . -6.10 -15.82 14.54
C6 THG H . -4.61 -16.09 14.52
N5 THG H . -3.80 -14.99 15.05
C9 THG H . -4.31 -17.41 15.31
N10 THG H . -2.94 -17.80 15.02
C4' THG H . -2.28 -18.82 15.82
C3' THG H . -2.93 -19.31 16.94
C2' THG H . -2.30 -20.28 17.71
C1' THG H . -1.05 -20.75 17.37
C6' THG H . -0.39 -20.25 16.25
C5' THG H . -1.01 -19.28 15.47
C11 THG H . -0.41 -21.81 18.27
N THG H . -1.26 -22.78 18.93
CA THG H . -0.67 -23.79 19.82
C THG H . 0.21 -24.78 19.08
OX2 THG H . 0.24 -24.81 17.81
OX1 THG H . 0.93 -25.59 19.74
CB THG H . -1.76 -24.56 20.55
CG THG H . -2.65 -23.57 21.30
CD THG H . -3.58 -24.34 22.21
OE1 THG H . -4.84 -24.28 22.03
OE2 THG H . -3.11 -25.04 23.15
O11 THG H . 0.76 -21.81 18.44
O4 THG H . -2.34 -13.46 16.94
N2 THG H . -5.94 -12.59 19.71
C1 DHB I . -4.00 -13.07 9.06
C2 DHB I . -4.18 -12.77 10.40
C3 DHB I . -3.06 -12.62 11.22
O3 DHB I . -3.23 -12.32 12.57
C4 DHB I . -1.79 -12.78 10.71
O4 DHB I . -0.67 -12.62 11.55
C5 DHB I . -1.61 -13.07 9.36
C6 DHB I . -2.72 -13.22 8.54
C DHB I . -5.20 -13.23 8.15
O1 DHB I . -6.36 -13.32 8.63
O2 DHB I . -5.03 -13.27 6.90
C1 EDO J . -3.41 -17.56 -5.15
O1 EDO J . -2.77 -18.47 -4.27
C2 EDO J . -4.43 -16.70 -4.39
O2 EDO J . -3.77 -15.87 -3.44
C1 EDO K . -15.24 -17.64 0.95
O1 EDO K . -15.07 -16.23 1.19
C2 EDO K . -14.42 -18.00 -0.28
O2 EDO K . -13.05 -17.69 -0.02
C TRS L . -9.04 -10.56 -16.19
C1 TRS L . -10.35 -10.34 -16.93
C2 TRS L . -8.12 -9.38 -16.44
C3 TRS L . -8.37 -11.84 -16.65
N TRS L . -9.35 -10.65 -14.74
O1 TRS L . -11.24 -11.37 -16.57
O2 TRS L . -8.71 -8.24 -15.85
O3 TRS L . -6.99 -11.75 -16.33
#